data_1NBO
#
_entry.id   1NBO
#
_cell.length_a   140.644
_cell.length_b   185.652
_cell.length_c   106.446
_cell.angle_alpha   90.00
_cell.angle_beta   90.00
_cell.angle_gamma   90.00
#
_symmetry.space_group_name_H-M   'C 2 2 2'
#
loop_
_entity.id
_entity.type
_entity.pdbx_description
1 polymer 'glyceraldehyde-3-phosphate dehydrogenase A'
2 non-polymer 'SULFATE ION'
3 non-polymer NICOTINAMIDE-ADENINE-DINUCLEOTIDE
4 water water
#
_entity_poly.entity_id   1
_entity_poly.type   'polypeptide(L)'
_entity_poly.pdbx_seq_one_letter_code
;KLKVAINGFGRIGRNFLRCWHGRKDSPLDVVVINDTGGVKQASHLLKYDSILGTFDADVKTAGDSAISVDGKVIKVVSDR
NPVNLPWGDMGIDLVIEGTGVFVDRDGAGKHLQAGAKKVLITAPGKGDIPTYVVGVNEEGYTHADTIISNASCTTNCLAP
FVKVLDQKFGIIKGTMTTTHSYTGDQRLLDASHRDLRRARAACLNIVPTSTGAAKAVALVLPNLKGKLNGIALRVPTPNV
SVVDLVVQVSKKTFAEEVNAAFRESADNELKGILSVCDEPLVSIDFRCTDVSSTIDSSLTMVMGDDMVKVIAWYDNEWGY
SQRVVDLADIVANKWQA
;
_entity_poly.pdbx_strand_id   O,A,B
#
# COMPACT_ATOMS: atom_id res chain seq x y z
N LYS A 1 22.67 27.63 24.15
CA LYS A 1 22.33 26.29 24.70
C LYS A 1 22.79 25.17 23.75
N LEU A 2 22.83 25.49 22.46
CA LEU A 2 23.28 24.52 21.47
C LEU A 2 24.79 24.78 21.27
N LYS A 3 25.63 23.78 21.54
CA LYS A 3 27.06 23.96 21.38
C LYS A 3 27.39 23.96 19.89
N VAL A 4 27.76 25.12 19.38
CA VAL A 4 28.09 25.29 17.97
C VAL A 4 29.56 25.48 17.66
N ALA A 5 29.99 24.86 16.57
CA ALA A 5 31.37 24.96 16.11
C ALA A 5 31.38 25.49 14.68
N ILE A 6 32.26 26.45 14.42
CA ILE A 6 32.40 27.03 13.08
C ILE A 6 33.65 26.42 12.44
N ASN A 7 33.48 25.79 11.27
CA ASN A 7 34.63 25.20 10.59
C ASN A 7 34.88 25.96 9.28
N GLY A 8 35.89 26.83 9.31
CA GLY A 8 36.20 27.66 8.14
C GLY A 8 35.79 29.08 8.49
N PHE A 9 36.69 29.83 9.11
CA PHE A 9 36.40 31.19 9.54
C PHE A 9 36.62 32.23 8.42
N GLY A 10 36.07 31.95 7.24
CA GLY A 10 36.22 32.87 6.11
C GLY A 10 35.10 33.88 6.03
N ARG A 11 34.76 34.31 4.82
CA ARG A 11 33.71 35.29 4.63
C ARG A 11 32.40 34.87 5.29
N ILE A 12 31.95 33.64 5.05
CA ILE A 12 30.71 33.17 5.63
C ILE A 12 30.86 32.92 7.14
N GLY A 13 31.96 32.29 7.52
CA GLY A 13 32.20 32.02 8.93
C GLY A 13 32.19 33.28 9.78
N ARG A 14 32.85 34.33 9.30
CA ARG A 14 32.90 35.58 10.05
C ARG A 14 31.58 36.33 9.99
N ASN A 15 30.91 36.34 8.84
CA ASN A 15 29.62 37.01 8.77
C ASN A 15 28.65 36.27 9.70
N PHE A 16 28.79 34.94 9.74
CA PHE A 16 27.93 34.12 10.60
C PHE A 16 28.09 34.56 12.05
N LEU A 17 29.33 34.63 12.51
CA LEU A 17 29.60 35.03 13.88
C LEU A 17 29.01 36.40 14.19
N ARG A 18 29.17 37.34 13.27
CA ARG A 18 28.64 38.68 13.49
C ARG A 18 27.12 38.73 13.42
N CYS A 19 26.52 37.94 12.55
CA CYS A 19 25.05 37.95 12.48
C CYS A 19 24.54 37.42 13.81
N TRP A 20 25.08 36.28 14.23
CA TRP A 20 24.71 35.65 15.50
C TRP A 20 24.87 36.64 16.65
N HIS A 21 26.01 37.31 16.70
CA HIS A 21 26.30 38.26 17.75
C HIS A 21 25.23 39.34 17.93
N GLY A 22 24.62 39.76 16.82
CA GLY A 22 23.58 40.78 16.89
C GLY A 22 22.18 40.29 17.20
N ARG A 23 22.00 38.97 17.32
CA ARG A 23 20.69 38.41 17.61
C ARG A 23 20.42 38.47 19.11
N LYS A 24 19.15 38.52 19.49
CA LYS A 24 18.76 38.57 20.90
C LYS A 24 18.24 37.21 21.35
N ASP A 25 18.64 36.78 22.55
CA ASP A 25 18.21 35.50 23.11
C ASP A 25 18.43 34.32 22.19
N SER A 26 19.61 34.25 21.58
CA SER A 26 19.94 33.16 20.67
C SER A 26 20.02 31.82 21.38
N PRO A 27 19.51 30.76 20.72
CA PRO A 27 19.53 29.40 21.26
C PRO A 27 20.90 28.79 20.99
N LEU A 28 21.73 29.54 20.26
CA LEU A 28 23.07 29.09 19.89
C LEU A 28 24.21 29.58 20.76
N ASP A 29 25.16 28.70 21.00
CA ASP A 29 26.35 29.01 21.79
C ASP A 29 27.59 28.62 20.99
N VAL A 30 28.22 29.60 20.37
CA VAL A 30 29.42 29.35 19.57
C VAL A 30 30.59 29.18 20.52
N VAL A 31 31.18 27.99 20.52
CA VAL A 31 32.28 27.73 21.44
C VAL A 31 33.63 27.45 20.79
N VAL A 32 33.62 27.02 19.53
N VAL A 32 33.62 27.05 19.51
CA VAL A 32 34.88 26.74 18.86
CA VAL A 32 34.86 26.78 18.79
C VAL A 32 34.94 27.25 17.45
C VAL A 32 34.83 27.32 17.37
N ILE A 33 36.14 27.60 17.03
N ILE A 33 36.02 27.55 16.83
CA ILE A 33 36.37 28.05 15.69
CA ILE A 33 36.18 28.02 15.45
C ILE A 33 37.57 27.30 15.17
C ILE A 33 37.39 27.28 14.92
N ASN A 34 37.40 26.65 14.02
N ASN A 34 37.28 26.71 13.74
CA ASN A 34 38.50 25.95 13.41
CA ASN A 34 38.43 26.00 13.23
C ASN A 34 38.73 26.50 12.01
C ASN A 34 39.27 26.79 12.28
N ASP A 35 39.94 27.01 11.82
N ASP A 35 40.56 26.83 12.59
CA ASP A 35 40.39 27.53 10.52
CA ASP A 35 41.53 27.55 11.80
C ASP A 35 41.81 26.98 10.44
C ASP A 35 41.95 27.01 10.45
N THR A 36 42.50 27.20 9.30
N THR A 36 43.26 27.00 10.33
CA THR A 36 43.89 26.74 9.13
CA THR A 36 44.08 26.60 9.21
C THR A 36 44.87 27.83 9.51
C THR A 36 44.95 27.86 9.22
N GLY A 37 44.39 29.07 9.45
N GLY A 37 44.32 28.94 9.69
CA GLY A 37 45.23 30.20 9.83
CA GLY A 37 44.98 30.22 9.85
C GLY A 37 45.41 30.15 11.33
C GLY A 37 45.28 30.27 11.34
N GLY A 38 45.79 31.27 11.95
N GLY A 38 45.65 31.41 11.89
CA GLY A 38 46.00 31.29 13.39
CA GLY A 38 45.95 31.46 13.31
C GLY A 38 44.98 32.09 14.19
C GLY A 38 44.95 32.17 14.19
N VAL A 39 45.29 32.31 15.47
CA VAL A 39 44.42 33.02 16.40
C VAL A 39 44.50 34.53 16.21
N LYS A 40 45.66 35.00 15.76
CA LYS A 40 45.88 36.42 15.51
C LYS A 40 45.04 36.87 14.32
N GLN A 41 44.93 36.01 13.32
CA GLN A 41 44.16 36.34 12.13
C GLN A 41 42.67 36.29 12.41
N ALA A 42 42.26 35.25 13.11
CA ALA A 42 40.86 35.08 13.47
C ALA A 42 40.41 36.34 14.18
N SER A 43 41.18 36.77 15.17
CA SER A 43 40.84 37.98 15.92
C SER A 43 40.90 39.23 15.05
N HIS A 44 42.00 39.42 14.35
CA HIS A 44 42.18 40.59 13.49
C HIS A 44 41.10 40.74 12.41
N LEU A 45 40.88 39.66 11.65
CA LEU A 45 39.91 39.69 10.56
C LEU A 45 38.46 39.75 11.02
N LEU A 46 38.21 39.36 12.27
CA LEU A 46 36.85 39.42 12.80
C LEU A 46 36.58 40.87 13.16
N LYS A 47 37.60 41.55 13.65
CA LYS A 47 37.47 42.95 14.04
C LYS A 47 37.44 43.92 12.85
N TYR A 48 38.36 43.76 11.92
CA TYR A 48 38.44 44.64 10.76
C TYR A 48 37.98 43.91 9.51
N ASP A 49 37.01 44.51 8.81
CA ASP A 49 36.42 43.90 7.63
C ASP A 49 36.17 44.94 6.52
N SER A 50 36.84 44.77 5.37
CA SER A 50 36.72 45.70 4.24
C SER A 50 35.30 45.86 3.70
N ILE A 51 34.39 45.00 4.12
CA ILE A 51 33.02 45.07 3.64
C ILE A 51 32.03 45.47 4.73
N LEU A 52 32.16 44.91 5.93
CA LEU A 52 31.25 45.24 7.02
C LEU A 52 31.72 46.40 7.87
N GLY A 53 33.01 46.70 7.79
CA GLY A 53 33.55 47.78 8.60
C GLY A 53 34.09 47.21 9.90
N THR A 54 34.55 48.08 10.77
CA THR A 54 35.10 47.63 12.04
C THR A 54 33.97 47.11 12.94
N PHE A 55 34.13 45.89 13.44
CA PHE A 55 33.17 45.21 14.31
C PHE A 55 33.01 46.01 15.61
N ASP A 56 31.79 46.46 15.85
CA ASP A 56 31.49 47.24 17.05
C ASP A 56 31.39 46.30 18.24
N ALA A 57 32.54 45.86 18.73
CA ALA A 57 32.60 44.95 19.88
C ALA A 57 34.08 44.84 20.25
N ASP A 58 34.33 44.47 21.50
CA ASP A 58 35.69 44.33 21.99
C ASP A 58 36.21 42.97 21.57
N VAL A 59 37.08 42.95 20.57
CA VAL A 59 37.66 41.72 20.08
C VAL A 59 39.14 41.71 20.40
N LYS A 60 39.64 40.62 20.95
CA LYS A 60 41.05 40.53 21.26
C LYS A 60 41.46 39.08 21.30
N THR A 61 42.77 38.85 21.31
CA THR A 61 43.29 37.51 21.37
C THR A 61 43.35 37.09 22.84
N ALA A 62 43.10 35.81 23.13
CA ALA A 62 43.14 35.31 24.50
C ALA A 62 44.14 34.18 24.56
N GLY A 63 45.36 34.49 24.94
CA GLY A 63 46.38 33.46 24.99
C GLY A 63 46.75 33.08 23.58
N ASP A 64 47.02 31.79 23.36
CA ASP A 64 47.40 31.28 22.06
C ASP A 64 46.42 30.25 21.55
N SER A 65 45.22 30.25 22.12
CA SER A 65 44.23 29.26 21.73
C SER A 65 42.80 29.75 21.74
N ALA A 66 42.61 31.06 21.91
CA ALA A 66 41.27 31.58 21.94
C ALA A 66 41.17 33.07 21.65
N ILE A 67 39.96 33.50 21.33
CA ILE A 67 39.68 34.91 21.10
C ILE A 67 38.47 35.22 21.96
N SER A 68 38.30 36.49 22.30
CA SER A 68 37.16 36.86 23.09
C SER A 68 36.47 38.04 22.42
N VAL A 69 35.15 37.98 22.42
CA VAL A 69 34.30 39.00 21.84
C VAL A 69 33.44 39.51 22.99
N ASP A 70 33.69 40.75 23.41
CA ASP A 70 32.95 41.33 24.50
C ASP A 70 33.00 40.45 25.74
N GLY A 71 34.17 39.84 25.99
CA GLY A 71 34.31 38.98 27.15
C GLY A 71 34.08 37.50 26.91
N LYS A 72 33.18 37.15 25.99
CA LYS A 72 32.95 35.74 25.72
C LYS A 72 34.12 35.12 24.97
N VAL A 73 34.79 34.18 25.63
CA VAL A 73 35.95 33.52 25.05
C VAL A 73 35.48 32.40 24.12
N ILE A 74 36.21 32.21 23.02
CA ILE A 74 35.89 31.20 22.03
C ILE A 74 37.17 30.44 21.67
N LYS A 75 37.14 29.12 21.84
CA LYS A 75 38.30 28.29 21.55
C LYS A 75 38.62 28.36 20.06
N VAL A 76 39.91 28.37 19.73
CA VAL A 76 40.34 28.40 18.33
C VAL A 76 41.35 27.30 18.10
N VAL A 77 41.03 26.39 17.19
CA VAL A 77 41.93 25.29 16.85
C VAL A 77 42.28 25.37 15.38
N SER A 78 43.23 24.57 14.94
CA SER A 78 43.66 24.60 13.55
C SER A 78 43.97 23.23 12.98
N ASP A 79 42.94 22.55 12.49
CA ASP A 79 43.13 21.22 11.92
C ASP A 79 42.51 21.11 10.53
N ARG A 80 43.37 20.92 9.53
CA ARG A 80 42.97 20.80 8.14
C ARG A 80 42.12 19.57 7.85
N ASN A 81 42.28 18.54 8.66
CA ASN A 81 41.52 17.30 8.51
C ASN A 81 40.45 17.31 9.60
N PRO A 82 39.17 17.39 9.20
CA PRO A 82 38.03 17.41 10.13
C PRO A 82 37.94 16.22 11.06
N VAL A 83 38.52 15.09 10.65
CA VAL A 83 38.47 13.89 11.49
C VAL A 83 39.31 14.02 12.76
N ASN A 84 40.28 14.93 12.76
CA ASN A 84 41.15 15.12 13.92
C ASN A 84 40.61 16.16 14.89
N LEU A 85 39.48 16.78 14.52
CA LEU A 85 38.88 17.81 15.36
C LEU A 85 38.31 17.27 16.68
N PRO A 86 38.43 18.05 17.76
CA PRO A 86 37.95 17.70 19.11
C PRO A 86 36.46 17.95 19.29
N TRP A 87 35.67 17.60 18.29
CA TRP A 87 34.23 17.83 18.40
C TRP A 87 33.63 16.94 19.48
N GLY A 88 33.96 15.67 19.44
CA GLY A 88 33.45 14.76 20.46
C GLY A 88 33.88 15.20 21.86
N ASP A 89 35.18 15.36 22.06
CA ASP A 89 35.71 15.77 23.37
C ASP A 89 35.06 17.05 23.93
N MET A 90 34.70 17.99 23.06
CA MET A 90 34.09 19.22 23.52
C MET A 90 32.58 19.10 23.61
N GLY A 91 32.04 18.05 23.00
CA GLY A 91 30.61 17.83 23.02
C GLY A 91 29.91 18.80 22.09
N ILE A 92 30.46 18.96 20.89
CA ILE A 92 29.91 19.85 19.88
C ILE A 92 28.61 19.30 19.30
N ASP A 93 27.54 20.08 19.40
CA ASP A 93 26.25 19.66 18.87
C ASP A 93 26.16 19.86 17.37
N LEU A 94 26.43 21.08 16.92
CA LEU A 94 26.34 21.43 15.51
C LEU A 94 27.59 22.10 14.95
N VAL A 95 28.04 21.59 13.80
CA VAL A 95 29.19 22.15 13.12
C VAL A 95 28.72 22.94 11.90
N ILE A 96 29.11 24.21 11.82
CA ILE A 96 28.77 25.08 10.70
C ILE A 96 29.92 24.90 9.70
N GLU A 97 29.69 24.08 8.68
CA GLU A 97 30.71 23.79 7.69
C GLU A 97 30.77 24.84 6.59
N GLY A 98 31.72 25.77 6.72
CA GLY A 98 31.87 26.83 5.74
C GLY A 98 33.25 26.95 5.11
N THR A 99 33.89 25.83 4.83
CA THR A 99 35.22 25.86 4.22
C THR A 99 35.10 25.76 2.70
N GLY A 100 33.96 25.23 2.24
CA GLY A 100 33.75 25.07 0.81
C GLY A 100 34.43 23.84 0.25
N VAL A 101 35.07 23.05 1.11
CA VAL A 101 35.75 21.86 0.63
C VAL A 101 35.21 20.54 1.21
N PHE A 102 34.11 20.60 1.96
CA PHE A 102 33.51 19.39 2.54
C PHE A 102 32.00 19.46 2.34
N VAL A 103 31.60 19.54 1.07
CA VAL A 103 30.19 19.67 0.71
C VAL A 103 29.48 18.38 0.30
N ASP A 104 30.18 17.25 0.38
CA ASP A 104 29.58 15.96 0.05
C ASP A 104 29.49 15.14 1.34
N ARG A 105 28.81 14.00 1.30
CA ARG A 105 28.67 13.20 2.51
C ARG A 105 29.93 12.65 3.17
N ASP A 106 30.88 12.17 2.38
CA ASP A 106 32.10 11.63 2.97
C ASP A 106 32.95 12.72 3.62
N GLY A 107 33.00 13.89 2.97
CA GLY A 107 33.77 15.00 3.50
C GLY A 107 33.15 15.64 4.73
N ALA A 108 31.85 15.94 4.66
CA ALA A 108 31.16 16.56 5.78
C ALA A 108 30.93 15.53 6.89
N GLY A 109 30.87 14.27 6.49
CA GLY A 109 30.65 13.20 7.45
C GLY A 109 31.82 13.07 8.41
N LYS A 110 32.96 13.63 8.02
CA LYS A 110 34.16 13.56 8.84
C LYS A 110 33.99 14.30 10.16
N HIS A 111 33.13 15.31 10.20
CA HIS A 111 32.90 16.03 11.44
C HIS A 111 32.18 15.08 12.40
N LEU A 112 31.33 14.23 11.83
CA LEU A 112 30.59 13.25 12.62
C LEU A 112 31.58 12.25 13.21
N GLN A 113 32.56 11.84 12.39
CA GLN A 113 33.58 10.90 12.84
C GLN A 113 34.39 11.51 13.98
N ALA A 114 34.49 12.83 13.99
CA ALA A 114 35.25 13.52 15.02
C ALA A 114 34.43 13.69 16.29
N GLY A 115 33.14 13.38 16.24
CA GLY A 115 32.30 13.49 17.42
C GLY A 115 31.15 14.45 17.40
N ALA A 116 31.07 15.32 16.38
CA ALA A 116 29.96 16.27 16.31
C ALA A 116 28.68 15.49 16.01
N LYS A 117 27.57 15.96 16.55
CA LYS A 117 26.30 15.29 16.35
C LYS A 117 25.64 15.66 15.02
N LYS A 118 25.89 16.86 14.53
CA LYS A 118 25.27 17.28 13.28
C LYS A 118 26.10 18.30 12.52
N VAL A 119 25.90 18.36 11.20
CA VAL A 119 26.61 19.30 10.33
C VAL A 119 25.67 20.12 9.44
N LEU A 120 25.91 21.42 9.39
CA LEU A 120 25.12 22.34 8.58
C LEU A 120 26.05 22.96 7.54
N ILE A 121 25.95 22.52 6.30
CA ILE A 121 26.80 23.04 5.24
C ILE A 121 26.30 24.39 4.72
N THR A 122 27.17 25.39 4.71
CA THR A 122 26.82 26.73 4.26
C THR A 122 26.96 26.83 2.73
N ALA A 123 26.45 25.82 2.03
CA ALA A 123 26.52 25.78 0.59
C ALA A 123 25.70 24.59 0.08
N PRO A 124 25.52 24.50 -1.24
CA PRO A 124 24.75 23.37 -1.77
C PRO A 124 25.48 22.09 -1.36
N GLY A 125 24.71 21.05 -1.04
CA GLY A 125 25.34 19.79 -0.69
C GLY A 125 25.42 18.97 -1.96
N LYS A 126 26.47 18.18 -2.11
CA LYS A 126 26.60 17.34 -3.28
C LYS A 126 26.08 15.96 -2.88
N GLY A 127 25.35 15.30 -3.77
CA GLY A 127 24.82 14.00 -3.44
C GLY A 127 23.52 14.05 -2.66
N ASP A 128 23.29 13.06 -1.81
CA ASP A 128 22.05 12.99 -1.03
C ASP A 128 22.15 13.70 0.32
N ILE A 129 21.92 15.01 0.30
CA ILE A 129 21.97 15.83 1.50
C ILE A 129 20.77 16.76 1.46
N PRO A 130 19.89 16.68 2.47
CA PRO A 130 18.71 17.53 2.52
C PRO A 130 19.11 19.00 2.45
N THR A 131 18.45 19.77 1.60
CA THR A 131 18.77 21.18 1.50
C THR A 131 17.55 22.00 1.83
N TYR A 132 17.73 23.03 2.64
CA TYR A 132 16.61 23.86 3.04
C TYR A 132 16.84 25.34 2.78
N VAL A 133 15.73 26.04 2.54
CA VAL A 133 15.75 27.47 2.32
C VAL A 133 14.68 28.01 3.26
N VAL A 134 15.13 28.73 4.28
CA VAL A 134 14.21 29.30 5.24
C VAL A 134 13.17 30.17 4.56
N GLY A 135 11.91 29.87 4.83
CA GLY A 135 10.81 30.61 4.25
C GLY A 135 10.22 29.91 3.03
N VAL A 136 10.84 28.80 2.63
CA VAL A 136 10.36 28.06 1.47
C VAL A 136 10.06 26.60 1.79
N ASN A 137 10.96 25.93 2.49
CA ASN A 137 10.71 24.54 2.83
C ASN A 137 11.30 24.10 4.17
N GLU A 138 11.69 25.05 5.01
CA GLU A 138 12.29 24.70 6.30
C GLU A 138 11.45 23.74 7.13
N GLU A 139 10.13 23.89 7.06
CA GLU A 139 9.24 23.03 7.84
C GLU A 139 9.42 21.54 7.59
N GLY A 140 10.07 21.18 6.50
CA GLY A 140 10.28 19.77 6.18
C GLY A 140 11.53 19.21 6.84
N TYR A 141 12.18 20.04 7.65
CA TYR A 141 13.39 19.63 8.35
C TYR A 141 13.04 18.74 9.56
N THR A 142 13.83 17.69 9.76
CA THR A 142 13.60 16.79 10.89
C THR A 142 14.95 16.63 11.60
N HIS A 143 14.91 16.42 12.92
CA HIS A 143 16.16 16.26 13.68
C HIS A 143 16.96 15.04 13.25
N ALA A 144 16.34 14.11 12.53
CA ALA A 144 17.05 12.91 12.10
C ALA A 144 18.16 13.22 11.10
N ASP A 145 18.05 14.33 10.39
CA ASP A 145 19.07 14.70 9.40
C ASP A 145 20.41 14.98 10.09
N THR A 146 21.43 14.18 9.80
CA THR A 146 22.74 14.39 10.41
C THR A 146 23.57 15.41 9.65
N ILE A 147 23.28 15.54 8.36
CA ILE A 147 24.00 16.48 7.53
C ILE A 147 22.98 17.25 6.69
N ILE A 148 23.02 18.58 6.76
CA ILE A 148 22.08 19.38 5.98
C ILE A 148 22.78 20.53 5.28
N SER A 149 22.14 21.02 4.22
CA SER A 149 22.65 22.12 3.41
C SER A 149 21.69 23.30 3.40
N ASN A 150 22.25 24.51 3.46
CA ASN A 150 21.43 25.72 3.46
C ASN A 150 21.42 26.32 2.05
N ALA A 151 21.76 25.52 1.05
CA ALA A 151 21.79 25.95 -0.34
C ALA A 151 22.81 27.07 -0.58
N SER A 152 22.79 27.63 -1.78
CA SER A 152 23.70 28.72 -2.13
C SER A 152 22.97 30.02 -1.88
N CYS A 153 23.70 31.13 -1.99
CA CYS A 153 23.13 32.46 -1.79
C CYS A 153 22.11 32.78 -2.88
N THR A 154 22.43 32.44 -4.13
CA THR A 154 21.51 32.72 -5.23
C THR A 154 20.21 31.92 -5.10
N THR A 155 20.30 30.71 -4.56
CA THR A 155 19.09 29.92 -4.38
C THR A 155 18.18 30.57 -3.34
N ASN A 156 18.78 31.07 -2.26
CA ASN A 156 18.01 31.71 -1.19
C ASN A 156 17.39 33.02 -1.63
N CYS A 157 17.89 33.58 -2.73
CA CYS A 157 17.35 34.82 -3.24
C CYS A 157 16.24 34.52 -4.22
N LEU A 158 16.45 33.49 -5.03
CA LEU A 158 15.51 33.09 -6.06
C LEU A 158 14.28 32.35 -5.53
N ALA A 159 14.51 31.25 -4.81
CA ALA A 159 13.42 30.43 -4.28
C ALA A 159 12.25 31.19 -3.65
N PRO A 160 12.52 32.14 -2.74
CA PRO A 160 11.44 32.88 -2.10
C PRO A 160 10.40 33.50 -3.03
N PHE A 161 10.82 34.29 -4.02
CA PHE A 161 9.82 34.87 -4.90
C PHE A 161 9.39 33.94 -6.02
N VAL A 162 10.21 32.94 -6.31
CA VAL A 162 9.85 31.98 -7.34
C VAL A 162 8.61 31.27 -6.83
N LYS A 163 8.62 30.96 -5.53
CA LYS A 163 7.51 30.30 -4.87
C LYS A 163 6.22 31.10 -5.02
N VAL A 164 6.33 32.43 -4.96
CA VAL A 164 5.15 33.28 -5.09
C VAL A 164 4.64 33.28 -6.52
N LEU A 165 5.57 33.41 -7.46
CA LEU A 165 5.20 33.41 -8.87
C LEU A 165 4.53 32.10 -9.24
N ASP A 166 5.04 30.99 -8.70
CA ASP A 166 4.45 29.71 -9.01
C ASP A 166 3.06 29.57 -8.39
N GLN A 167 2.92 29.93 -7.13
CA GLN A 167 1.62 29.84 -6.45
C GLN A 167 0.56 30.71 -7.09
N LYS A 168 0.92 31.92 -7.49
CA LYS A 168 -0.08 32.82 -8.06
C LYS A 168 -0.27 32.83 -9.58
N PHE A 169 0.76 32.47 -10.33
CA PHE A 169 0.65 32.50 -11.78
C PHE A 169 0.97 31.22 -12.53
N GLY A 170 1.58 30.26 -11.84
CA GLY A 170 1.90 28.99 -12.48
C GLY A 170 3.06 29.05 -13.44
N ILE A 171 4.25 28.70 -12.97
CA ILE A 171 5.44 28.72 -13.81
C ILE A 171 5.50 27.55 -14.77
N ILE A 172 5.61 27.85 -16.06
CA ILE A 172 5.68 26.79 -17.06
C ILE A 172 7.15 26.41 -17.29
N LYS A 173 7.98 27.43 -17.52
CA LYS A 173 9.41 27.20 -17.73
C LYS A 173 10.10 28.54 -17.49
N GLY A 174 11.38 28.52 -17.20
CA GLY A 174 12.05 29.78 -16.96
C GLY A 174 13.55 29.69 -16.98
N THR A 175 14.19 30.86 -16.98
CA THR A 175 15.62 30.90 -17.01
C THR A 175 16.11 32.03 -16.12
N MET A 176 17.38 32.01 -15.76
CA MET A 176 17.86 33.09 -14.91
C MET A 176 19.34 33.36 -15.05
N THR A 177 19.69 34.61 -14.78
CA THR A 177 21.07 35.06 -14.83
C THR A 177 21.35 35.92 -13.61
N THR A 178 22.41 35.59 -12.89
CA THR A 178 22.77 36.39 -11.73
C THR A 178 24.05 37.15 -12.03
N THR A 179 23.98 38.47 -11.87
CA THR A 179 25.13 39.35 -12.06
C THR A 179 25.63 39.41 -10.62
N HIS A 180 26.62 38.56 -10.37
CA HIS A 180 27.19 38.29 -9.06
C HIS A 180 28.54 38.94 -8.73
N SER A 181 28.66 39.40 -7.48
CA SER A 181 29.91 39.97 -7.00
C SER A 181 30.94 38.85 -7.04
N TYR A 182 32.23 39.17 -7.08
CA TYR A 182 33.24 38.13 -7.11
C TYR A 182 33.37 37.54 -5.70
N THR A 183 33.98 36.35 -5.61
CA THR A 183 34.15 35.69 -4.33
C THR A 183 35.54 35.09 -4.27
N GLY A 184 35.92 34.65 -3.07
CA GLY A 184 37.23 34.06 -2.87
C GLY A 184 37.54 32.91 -3.79
N ASP A 185 36.54 32.34 -4.46
CA ASP A 185 36.81 31.23 -5.34
C ASP A 185 37.37 31.68 -6.68
N GLN A 186 37.38 32.99 -6.91
CA GLN A 186 37.92 33.53 -8.15
C GLN A 186 39.36 33.99 -7.89
N ARG A 187 40.13 34.17 -8.96
CA ARG A 187 41.52 34.60 -8.84
C ARG A 187 41.70 36.12 -8.99
N LEU A 188 42.56 36.69 -8.15
CA LEU A 188 42.86 38.12 -8.16
C LEU A 188 43.47 38.51 -9.52
N LEU A 189 44.36 37.67 -10.02
CA LEU A 189 45.02 37.85 -11.32
C LEU A 189 45.04 36.50 -12.02
N ASP A 190 44.91 36.50 -13.34
CA ASP A 190 44.92 35.26 -14.14
C ASP A 190 45.82 34.21 -13.49
N ALA A 191 45.22 33.13 -13.00
CA ALA A 191 45.96 32.05 -12.35
C ALA A 191 45.22 30.73 -12.55
N SER A 192 45.91 29.61 -12.38
CA SER A 192 45.29 28.29 -12.58
C SER A 192 44.02 28.09 -11.78
N HIS A 193 43.07 27.36 -12.36
CA HIS A 193 41.78 27.08 -11.72
C HIS A 193 41.07 26.07 -12.61
N ARG A 194 40.31 25.16 -12.02
CA ARG A 194 39.60 24.16 -12.82
C ARG A 194 38.65 24.84 -13.80
N ASP A 195 38.05 25.96 -13.38
CA ASP A 195 37.15 26.73 -14.22
C ASP A 195 38.05 27.71 -14.98
N LEU A 196 38.14 27.56 -16.31
CA LEU A 196 39.00 28.41 -17.13
C LEU A 196 38.53 29.87 -17.19
N ARG A 197 37.29 30.12 -16.77
CA ARG A 197 36.79 31.48 -16.75
C ARG A 197 37.05 32.08 -15.35
N ARG A 198 36.78 31.32 -14.29
CA ARG A 198 37.02 31.82 -12.93
C ARG A 198 38.51 31.96 -12.67
N ALA A 199 39.32 31.59 -13.65
CA ALA A 199 40.76 31.67 -13.50
C ALA A 199 41.28 33.06 -13.88
N ARG A 200 40.44 33.83 -14.55
CA ARG A 200 40.84 35.14 -15.02
C ARG A 200 40.61 36.24 -13.97
N ALA A 201 41.47 37.26 -13.98
CA ALA A 201 41.39 38.39 -13.06
C ALA A 201 39.95 38.82 -12.79
N ALA A 202 39.51 38.62 -11.55
CA ALA A 202 38.14 38.93 -11.14
C ALA A 202 37.70 40.39 -11.20
N CYS A 203 38.58 41.31 -10.84
CA CYS A 203 38.24 42.73 -10.82
C CYS A 203 38.45 43.43 -12.16
N LEU A 204 38.71 42.65 -13.20
CA LEU A 204 38.95 43.23 -14.52
C LEU A 204 38.02 42.66 -15.57
N ASN A 205 37.18 41.73 -15.18
CA ASN A 205 36.32 41.09 -16.15
C ASN A 205 34.90 40.79 -15.74
N ILE A 206 34.07 40.55 -16.74
CA ILE A 206 32.71 40.11 -16.53
C ILE A 206 33.04 38.62 -16.78
N VAL A 207 32.78 37.78 -15.80
CA VAL A 207 33.13 36.38 -15.90
C VAL A 207 31.97 35.39 -15.87
N PRO A 208 31.63 34.82 -17.04
CA PRO A 208 30.53 33.86 -17.05
C PRO A 208 30.97 32.64 -16.26
N THR A 209 30.04 31.97 -15.62
CA THR A 209 30.37 30.76 -14.87
C THR A 209 29.09 30.03 -14.54
N SER A 210 29.22 28.74 -14.25
CA SER A 210 28.07 27.93 -13.94
C SER A 210 27.45 28.20 -12.60
N THR A 211 26.20 27.77 -12.46
CA THR A 211 25.46 27.87 -11.21
C THR A 211 24.39 26.79 -11.25
N GLY A 212 24.18 26.14 -10.11
CA GLY A 212 23.16 25.11 -10.01
C GLY A 212 21.96 25.69 -9.29
N ALA A 213 22.10 26.94 -8.85
CA ALA A 213 21.04 27.63 -8.13
C ALA A 213 19.67 27.45 -8.77
N ALA A 214 19.62 27.42 -10.10
CA ALA A 214 18.34 27.26 -10.79
C ALA A 214 17.80 25.84 -10.62
N LYS A 215 18.62 24.85 -10.89
CA LYS A 215 18.19 23.48 -10.71
C LYS A 215 17.93 23.28 -9.21
N ALA A 216 18.80 23.84 -8.38
CA ALA A 216 18.69 23.76 -6.92
C ALA A 216 17.33 24.24 -6.41
N VAL A 217 16.71 25.17 -7.12
CA VAL A 217 15.42 25.67 -6.71
C VAL A 217 14.41 24.54 -6.64
N ALA A 218 14.53 23.59 -7.56
CA ALA A 218 13.60 22.47 -7.60
C ALA A 218 13.72 21.58 -6.36
N LEU A 219 14.89 21.59 -5.72
CA LEU A 219 15.07 20.79 -4.52
C LEU A 219 14.16 21.27 -3.42
N VAL A 220 13.95 22.59 -3.35
CA VAL A 220 13.10 23.16 -2.30
C VAL A 220 11.67 23.41 -2.76
N LEU A 221 11.49 23.45 -4.07
CA LEU A 221 10.15 23.63 -4.66
C LEU A 221 10.04 22.59 -5.76
N PRO A 222 9.77 21.33 -5.37
CA PRO A 222 9.62 20.17 -6.24
C PRO A 222 8.73 20.40 -7.45
N ASN A 223 7.77 21.30 -7.32
CA ASN A 223 6.87 21.58 -8.43
C ASN A 223 7.63 22.19 -9.62
N LEU A 224 8.82 22.70 -9.38
CA LEU A 224 9.60 23.30 -10.44
C LEU A 224 10.68 22.42 -11.03
N LYS A 225 10.65 21.14 -10.70
CA LYS A 225 11.65 20.22 -11.23
C LYS A 225 11.72 20.25 -12.76
N GLY A 226 12.93 20.46 -13.28
CA GLY A 226 13.14 20.49 -14.71
C GLY A 226 12.55 21.67 -15.45
N LYS A 227 12.14 22.71 -14.71
CA LYS A 227 11.53 23.88 -15.32
C LYS A 227 12.41 25.12 -15.39
N LEU A 228 13.55 25.08 -14.71
CA LEU A 228 14.46 26.22 -14.65
C LEU A 228 15.93 25.90 -14.89
N ASN A 229 16.67 26.89 -15.39
CA ASN A 229 18.10 26.76 -15.59
C ASN A 229 18.65 28.17 -15.65
N GLY A 230 19.98 28.31 -15.68
CA GLY A 230 20.57 29.62 -15.73
C GLY A 230 22.08 29.63 -15.63
N ILE A 231 22.64 30.84 -15.51
CA ILE A 231 24.08 31.00 -15.39
C ILE A 231 24.40 32.19 -14.53
N ALA A 232 25.67 32.32 -14.19
CA ALA A 232 26.15 33.42 -13.38
C ALA A 232 27.15 34.30 -14.15
N LEU A 233 27.05 35.62 -13.96
CA LEU A 233 28.00 36.55 -14.58
C LEU A 233 28.68 37.27 -13.42
N ARG A 234 29.92 36.87 -13.12
CA ARG A 234 30.67 37.51 -12.03
C ARG A 234 31.22 38.85 -12.51
N VAL A 235 31.00 39.89 -11.72
CA VAL A 235 31.47 41.23 -12.04
C VAL A 235 32.31 41.84 -10.90
N PRO A 236 33.09 42.89 -11.21
CA PRO A 236 33.96 43.55 -10.22
C PRO A 236 33.37 44.35 -9.05
N THR A 237 32.52 43.72 -8.25
CA THR A 237 31.96 44.33 -7.05
C THR A 237 32.28 43.32 -5.95
N PRO A 238 32.73 43.79 -4.79
CA PRO A 238 33.08 42.89 -3.68
C PRO A 238 31.96 42.19 -2.94
N ASN A 239 30.76 42.76 -2.96
CA ASN A 239 29.63 42.13 -2.29
C ASN A 239 28.31 42.70 -2.80
N VAL A 240 27.25 41.89 -2.69
CA VAL A 240 25.90 42.21 -3.16
C VAL A 240 25.77 41.79 -4.62
N SER A 241 24.73 41.01 -4.90
CA SER A 241 24.52 40.50 -6.24
C SER A 241 23.07 40.70 -6.64
N VAL A 242 22.76 40.42 -7.90
CA VAL A 242 21.40 40.61 -8.36
C VAL A 242 20.98 39.50 -9.31
N VAL A 243 19.75 39.04 -9.14
CA VAL A 243 19.20 37.99 -9.98
C VAL A 243 18.21 38.56 -10.99
N ASP A 244 18.24 37.99 -12.19
CA ASP A 244 17.37 38.40 -13.28
C ASP A 244 16.64 37.13 -13.72
N LEU A 245 15.36 37.05 -13.37
CA LEU A 245 14.54 35.90 -13.69
C LEU A 245 13.52 36.17 -14.79
N VAL A 246 13.42 35.24 -15.74
CA VAL A 246 12.48 35.37 -16.84
C VAL A 246 11.71 34.05 -16.91
N VAL A 247 10.39 34.10 -16.72
CA VAL A 247 9.57 32.91 -16.77
C VAL A 247 8.30 33.09 -17.58
N GLN A 248 7.84 32.01 -18.20
CA GLN A 248 6.58 32.04 -18.92
C GLN A 248 5.62 31.46 -17.88
N VAL A 249 4.53 32.17 -17.62
CA VAL A 249 3.54 31.74 -16.64
C VAL A 249 2.21 31.35 -17.30
N SER A 250 1.36 30.65 -16.57
CA SER A 250 0.05 30.20 -17.10
C SER A 250 -1.01 31.29 -17.10
N LYS A 251 -1.08 32.06 -16.02
CA LYS A 251 -2.06 33.13 -15.94
C LYS A 251 -1.51 34.43 -16.48
N LYS A 252 -2.21 35.00 -17.46
CA LYS A 252 -1.81 36.29 -18.03
C LYS A 252 -1.81 37.28 -16.87
N THR A 253 -0.91 38.24 -16.90
CA THR A 253 -0.80 39.22 -15.83
C THR A 253 -0.11 40.45 -16.39
N PHE A 254 0.36 41.32 -15.50
CA PHE A 254 1.07 42.55 -15.88
C PHE A 254 1.96 42.94 -14.70
N ALA A 255 3.02 43.71 -14.98
CA ALA A 255 4.00 44.09 -13.97
C ALA A 255 3.53 44.50 -12.57
N GLU A 256 2.68 45.53 -12.50
CA GLU A 256 2.21 45.97 -11.19
C GLU A 256 1.43 44.90 -10.44
N GLU A 257 0.76 44.01 -11.16
CA GLU A 257 0.02 42.94 -10.51
C GLU A 257 1.03 41.98 -9.89
N VAL A 258 2.10 41.68 -10.62
CA VAL A 258 3.14 40.78 -10.13
C VAL A 258 3.79 41.42 -8.89
N ASN A 259 4.11 42.71 -8.96
CA ASN A 259 4.71 43.41 -7.83
C ASN A 259 3.79 43.32 -6.62
N ALA A 260 2.49 43.52 -6.85
CA ALA A 260 1.53 43.47 -5.77
C ALA A 260 1.56 42.11 -5.08
N ALA A 261 1.65 41.04 -5.87
CA ALA A 261 1.70 39.69 -5.29
C ALA A 261 2.91 39.55 -4.36
N PHE A 262 4.04 40.15 -4.75
CA PHE A 262 5.22 40.07 -3.91
C PHE A 262 5.05 40.84 -2.61
N ARG A 263 4.35 41.98 -2.64
CA ARG A 263 4.16 42.75 -1.40
C ARG A 263 3.23 41.99 -0.46
N GLU A 264 2.27 41.27 -1.05
CA GLU A 264 1.34 40.49 -0.26
C GLU A 264 2.14 39.53 0.62
N SER A 265 3.03 38.75 -0.01
CA SER A 265 3.85 37.79 0.73
C SER A 265 4.89 38.44 1.63
N ALA A 266 5.48 39.52 1.15
CA ALA A 266 6.50 40.24 1.92
C ALA A 266 5.91 40.77 3.23
N ASP A 267 4.61 41.01 3.25
CA ASP A 267 3.93 41.51 4.45
C ASP A 267 3.39 40.35 5.30
N ASN A 268 3.39 39.14 4.76
CA ASN A 268 2.88 37.99 5.49
C ASN A 268 3.83 36.79 5.59
N GLU A 269 3.49 35.67 4.96
CA GLU A 269 4.33 34.48 5.07
C GLU A 269 5.83 34.66 4.81
N LEU A 270 6.22 35.62 3.97
CA LEU A 270 7.64 35.80 3.69
C LEU A 270 8.25 37.04 4.35
N LYS A 271 7.56 37.57 5.35
CA LYS A 271 8.06 38.72 6.08
C LYS A 271 9.42 38.36 6.70
N GLY A 272 10.42 39.19 6.45
CA GLY A 272 11.75 38.94 6.99
C GLY A 272 12.62 38.16 6.00
N ILE A 273 11.98 37.61 4.98
CA ILE A 273 12.69 36.85 3.96
C ILE A 273 12.72 37.60 2.65
N LEU A 274 11.53 38.05 2.24
CA LEU A 274 11.38 38.79 1.00
C LEU A 274 10.95 40.22 1.26
N SER A 275 11.55 41.15 0.53
CA SER A 275 11.24 42.56 0.65
C SER A 275 11.00 43.11 -0.76
N VAL A 276 10.30 44.24 -0.87
CA VAL A 276 10.02 44.84 -2.18
C VAL A 276 10.38 46.32 -2.11
N CYS A 277 11.40 46.71 -2.86
CA CYS A 277 11.90 48.08 -2.87
C CYS A 277 11.39 48.92 -4.03
N ASP A 278 10.81 50.08 -3.70
CA ASP A 278 10.27 50.97 -4.72
C ASP A 278 11.12 52.18 -5.01
N GLU A 279 12.31 52.23 -4.42
CA GLU A 279 13.21 53.35 -4.62
C GLU A 279 14.24 52.98 -5.70
N PRO A 280 14.71 53.96 -6.47
CA PRO A 280 15.71 53.67 -7.51
C PRO A 280 17.12 53.62 -6.91
N LEU A 281 17.43 52.49 -6.29
CA LEU A 281 18.73 52.28 -5.64
C LEU A 281 19.72 51.51 -6.51
N VAL A 282 20.95 51.39 -6.01
CA VAL A 282 21.99 50.64 -6.70
C VAL A 282 22.52 49.65 -5.66
N SER A 283 23.28 48.66 -6.12
CA SER A 283 23.80 47.59 -5.29
C SER A 283 24.31 47.92 -3.88
N ILE A 284 25.18 48.92 -3.78
CA ILE A 284 25.73 49.27 -2.48
C ILE A 284 24.66 49.64 -1.45
N ASP A 285 23.48 50.11 -1.89
CA ASP A 285 22.43 50.48 -0.95
C ASP A 285 21.83 49.23 -0.28
N PHE A 286 22.05 48.06 -0.87
CA PHE A 286 21.50 46.84 -0.32
C PHE A 286 22.47 46.09 0.56
N ARG A 287 23.60 46.71 0.82
CA ARG A 287 24.59 46.07 1.67
C ARG A 287 24.02 45.96 3.08
N CYS A 288 24.26 44.82 3.72
CA CYS A 288 23.80 44.57 5.07
C CYS A 288 22.30 44.46 5.28
N THR A 289 21.58 44.00 4.27
CA THR A 289 20.14 43.83 4.41
C THR A 289 19.90 42.43 4.98
N ASP A 290 19.02 42.31 5.97
CA ASP A 290 18.78 40.99 6.59
C ASP A 290 17.94 40.02 5.79
N VAL A 291 17.13 40.53 4.86
CA VAL A 291 16.30 39.67 4.03
C VAL A 291 17.20 38.93 3.06
N SER A 292 16.68 37.92 2.39
CA SER A 292 17.53 37.19 1.45
C SER A 292 17.19 37.56 0.01
N SER A 293 16.21 38.43 -0.17
CA SER A 293 15.78 38.82 -1.50
C SER A 293 14.94 40.10 -1.48
N THR A 294 15.31 41.07 -2.33
CA THR A 294 14.58 42.33 -2.42
C THR A 294 14.24 42.64 -3.87
N ILE A 295 12.95 42.57 -4.20
CA ILE A 295 12.48 42.85 -5.55
C ILE A 295 12.62 44.33 -5.88
N ASP A 296 13.14 44.65 -7.05
CA ASP A 296 13.28 46.03 -7.50
C ASP A 296 12.00 46.21 -8.33
N SER A 297 10.93 46.64 -7.65
CA SER A 297 9.62 46.79 -8.30
C SER A 297 9.59 47.52 -9.62
N SER A 298 10.34 48.61 -9.74
CA SER A 298 10.30 49.37 -10.98
C SER A 298 10.93 48.65 -12.18
N LEU A 299 11.75 47.62 -11.94
CA LEU A 299 12.35 46.93 -13.08
C LEU A 299 11.48 45.80 -13.59
N THR A 300 10.48 45.40 -12.81
CA THR A 300 9.59 44.32 -13.21
C THR A 300 8.97 44.59 -14.60
N MET A 301 9.00 43.58 -15.47
CA MET A 301 8.40 43.71 -16.80
C MET A 301 7.62 42.46 -17.17
N VAL A 302 6.66 42.63 -18.06
CA VAL A 302 5.86 41.51 -18.54
C VAL A 302 5.68 41.67 -20.05
N MET A 303 6.12 40.67 -20.81
CA MET A 303 6.01 40.71 -22.26
C MET A 303 5.00 39.68 -22.75
N GLY A 304 4.19 40.07 -23.73
CA GLY A 304 3.21 39.16 -24.29
C GLY A 304 2.29 38.58 -23.24
N ASP A 305 2.02 39.38 -22.20
CA ASP A 305 1.12 39.00 -21.11
C ASP A 305 1.49 37.80 -20.24
N ASP A 306 2.42 36.95 -20.69
CA ASP A 306 2.79 35.79 -19.87
C ASP A 306 4.29 35.58 -19.64
N MET A 307 5.12 36.47 -20.14
CA MET A 307 6.54 36.35 -19.92
C MET A 307 6.92 37.38 -18.86
N VAL A 308 7.17 36.90 -17.65
CA VAL A 308 7.50 37.75 -16.54
C VAL A 308 9.00 37.84 -16.25
N LYS A 309 9.46 39.07 -16.04
CA LYS A 309 10.85 39.34 -15.73
C LYS A 309 10.93 40.07 -14.38
N VAL A 310 11.67 39.47 -13.43
CA VAL A 310 11.83 40.06 -12.11
C VAL A 310 13.32 40.24 -11.78
N ILE A 311 13.66 41.39 -11.21
CA ILE A 311 15.03 41.73 -10.83
C ILE A 311 15.08 41.85 -9.31
N ALA A 312 15.86 41.00 -8.65
CA ALA A 312 15.94 41.04 -7.19
C ALA A 312 17.37 41.11 -6.65
N TRP A 313 17.53 41.92 -5.61
CA TRP A 313 18.82 42.12 -4.98
C TRP A 313 19.07 41.19 -3.80
N TYR A 314 20.34 40.98 -3.49
CA TYR A 314 20.67 40.17 -2.33
C TYR A 314 22.11 40.35 -1.87
N ASP A 315 22.27 40.51 -0.57
CA ASP A 315 23.61 40.62 0.00
C ASP A 315 24.04 39.16 0.13
N ASN A 316 24.85 38.68 -0.81
CA ASN A 316 25.26 37.29 -0.78
C ASN A 316 26.03 36.84 0.46
N GLU A 317 26.65 37.77 1.16
CA GLU A 317 27.40 37.42 2.36
C GLU A 317 26.54 37.51 3.63
N TRP A 318 26.07 38.72 3.93
CA TRP A 318 25.30 38.96 5.14
C TRP A 318 23.88 38.40 5.17
N GLY A 319 23.14 38.59 4.07
CA GLY A 319 21.79 38.09 4.02
C GLY A 319 21.79 36.57 4.11
N TYR A 320 22.72 35.94 3.40
CA TYR A 320 22.81 34.50 3.41
C TYR A 320 23.16 34.03 4.82
N SER A 321 24.08 34.75 5.46
CA SER A 321 24.49 34.37 6.80
C SER A 321 23.35 34.52 7.80
N GLN A 322 22.44 35.47 7.61
CA GLN A 322 21.33 35.59 8.54
C GLN A 322 20.52 34.29 8.39
N ARG A 323 20.44 33.77 7.17
CA ARG A 323 19.72 32.53 6.93
C ARG A 323 20.39 31.33 7.60
N VAL A 324 21.72 31.29 7.61
CA VAL A 324 22.39 30.16 8.25
C VAL A 324 22.05 30.18 9.74
N VAL A 325 22.12 31.37 10.35
CA VAL A 325 21.78 31.51 11.76
C VAL A 325 20.34 31.04 11.93
N ASP A 326 19.46 31.52 11.06
CA ASP A 326 18.06 31.13 11.10
C ASP A 326 17.90 29.62 11.06
N LEU A 327 18.60 28.95 10.14
CA LEU A 327 18.49 27.50 10.04
C LEU A 327 19.09 26.84 11.27
N ALA A 328 20.12 27.46 11.85
CA ALA A 328 20.76 26.91 13.04
C ALA A 328 19.76 26.99 14.19
N ASP A 329 19.04 28.11 14.25
CA ASP A 329 18.04 28.30 15.30
C ASP A 329 16.99 27.18 15.20
N ILE A 330 16.57 26.87 13.98
CA ILE A 330 15.59 25.83 13.77
C ILE A 330 16.13 24.50 14.27
N VAL A 331 17.40 24.23 13.98
CA VAL A 331 18.03 23.00 14.43
C VAL A 331 18.07 22.94 15.95
N ALA A 332 18.26 24.09 16.59
CA ALA A 332 18.31 24.14 18.04
C ALA A 332 16.92 23.89 18.61
N ASN A 333 15.90 24.43 17.93
CA ASN A 333 14.52 24.29 18.36
C ASN A 333 13.94 22.88 18.17
N LYS A 334 14.53 22.08 17.29
CA LYS A 334 14.04 20.73 17.05
C LYS A 334 14.80 19.70 17.87
N TRP A 335 15.15 20.08 19.10
CA TRP A 335 15.86 19.19 20.03
C TRP A 335 17.38 19.26 19.88
N GLN A 336 18.07 19.19 21.02
CA GLN A 336 19.53 19.22 21.08
C GLN A 336 20.12 18.53 19.87
N ALA A 337 20.41 19.30 18.84
CA ALA A 337 20.99 18.75 17.62
C ALA A 337 22.40 18.25 17.88
N LYS B 1 -15.81 19.01 -10.00
CA LYS B 1 -14.92 19.85 -10.87
C LYS B 1 -13.74 19.04 -11.44
N LEU B 2 -13.06 18.27 -10.61
CA LEU B 2 -11.94 17.46 -11.07
C LEU B 2 -12.51 16.18 -11.67
N LYS B 3 -12.25 15.93 -12.95
CA LYS B 3 -12.77 14.72 -13.61
C LYS B 3 -12.07 13.46 -13.11
N VAL B 4 -12.80 12.69 -12.30
CA VAL B 4 -12.27 11.48 -11.70
C VAL B 4 -12.77 10.16 -12.28
N ALA B 5 -11.85 9.22 -12.43
CA ALA B 5 -12.16 7.89 -12.92
C ALA B 5 -11.72 6.87 -11.86
N ILE B 6 -12.55 5.85 -11.64
CA ILE B 6 -12.23 4.81 -10.67
C ILE B 6 -11.87 3.53 -11.42
N ASN B 7 -10.66 3.03 -11.21
CA ASN B 7 -10.22 1.81 -11.87
C ASN B 7 -10.19 0.69 -10.82
N GLY B 8 -11.12 -0.25 -10.96
CA GLY B 8 -11.20 -1.36 -10.01
C GLY B 8 -12.28 -1.06 -8.99
N PHE B 9 -13.50 -1.51 -9.27
CA PHE B 9 -14.64 -1.27 -8.39
C PHE B 9 -14.81 -2.34 -7.29
N GLY B 10 -13.76 -2.57 -6.52
CA GLY B 10 -13.80 -3.54 -5.44
C GLY B 10 -14.16 -2.87 -4.11
N ARG B 11 -13.68 -3.42 -3.00
CA ARG B 11 -13.98 -2.87 -1.68
C ARG B 11 -13.64 -1.39 -1.56
N ILE B 12 -12.39 -1.05 -1.83
CA ILE B 12 -11.98 0.35 -1.74
C ILE B 12 -12.70 1.19 -2.79
N GLY B 13 -12.74 0.72 -4.03
CA GLY B 13 -13.41 1.46 -5.08
C GLY B 13 -14.84 1.83 -4.72
N ARG B 14 -15.57 0.87 -4.14
CA ARG B 14 -16.95 1.10 -3.76
C ARG B 14 -17.06 1.87 -2.47
N ASN B 15 -16.08 1.71 -1.58
CA ASN B 15 -16.11 2.47 -0.34
C ASN B 15 -15.86 3.92 -0.74
N PHE B 16 -14.90 4.12 -1.63
CA PHE B 16 -14.56 5.45 -2.12
C PHE B 16 -15.80 6.17 -2.64
N LEU B 17 -16.46 5.59 -3.65
CA LEU B 17 -17.65 6.19 -4.21
C LEU B 17 -18.67 6.57 -3.15
N ARG B 18 -18.92 5.69 -2.18
CA ARG B 18 -19.89 5.99 -1.11
C ARG B 18 -19.36 7.04 -0.14
N CYS B 19 -18.04 7.07 0.07
CA CYS B 19 -17.45 8.07 0.95
C CYS B 19 -17.60 9.43 0.29
N TRP B 20 -17.26 9.49 -0.99
CA TRP B 20 -17.36 10.70 -1.79
C TRP B 20 -18.79 11.20 -1.78
N HIS B 21 -19.72 10.27 -2.00
CA HIS B 21 -21.14 10.59 -2.03
C HIS B 21 -21.62 11.32 -0.77
N GLY B 22 -21.06 10.94 0.38
CA GLY B 22 -21.45 11.58 1.63
C GLY B 22 -20.85 12.95 1.85
N ARG B 23 -19.82 13.30 1.08
CA ARG B 23 -19.17 14.60 1.23
C ARG B 23 -20.01 15.75 0.67
N LYS B 24 -19.80 16.94 1.21
CA LYS B 24 -20.52 18.13 0.78
C LYS B 24 -19.58 19.02 -0.03
N ASP B 25 -20.11 19.65 -1.07
CA ASP B 25 -19.32 20.55 -1.91
C ASP B 25 -17.99 19.92 -2.33
N SER B 26 -18.05 18.68 -2.79
CA SER B 26 -16.86 17.97 -3.22
C SER B 26 -16.24 18.63 -4.45
N PRO B 27 -14.90 18.65 -4.54
CA PRO B 27 -14.18 19.23 -5.67
C PRO B 27 -13.98 18.13 -6.70
N LEU B 28 -14.51 16.96 -6.38
CA LEU B 28 -14.40 15.79 -7.24
C LEU B 28 -15.66 15.50 -8.03
N ASP B 29 -15.44 15.01 -9.24
CA ASP B 29 -16.54 14.63 -10.12
C ASP B 29 -16.22 13.26 -10.71
N VAL B 30 -16.82 12.22 -10.12
CA VAL B 30 -16.62 10.86 -10.58
C VAL B 30 -17.48 10.66 -11.82
N VAL B 31 -16.84 10.56 -12.98
CA VAL B 31 -17.61 10.42 -14.21
C VAL B 31 -17.66 9.02 -14.78
N VAL B 32 -16.62 8.24 -14.54
N VAL B 32 -16.63 8.22 -14.52
CA VAL B 32 -16.58 6.89 -15.07
CA VAL B 32 -16.57 6.86 -15.05
C VAL B 32 -15.99 5.90 -14.09
C VAL B 32 -15.97 5.84 -14.07
N ILE B 33 -16.35 4.64 -14.27
N ILE B 33 -16.29 4.58 -14.30
CA ILE B 33 -15.85 3.58 -13.43
CA ILE B 33 -15.81 3.47 -13.46
C ILE B 33 -15.46 2.40 -14.30
C ILE B 33 -15.45 2.29 -14.36
N ASN B 34 -14.25 1.88 -14.10
N ASN B 34 -14.39 1.59 -13.99
CA ASN B 34 -13.83 0.73 -14.87
CA ASN B 34 -13.94 0.43 -14.75
C ASN B 34 -13.57 -0.48 -13.98
C ASN B 34 -14.07 -0.80 -13.88
N ASP B 35 -14.22 -1.58 -14.34
N ASP B 35 -15.13 -1.54 -14.13
CA ASP B 35 -14.10 -2.86 -13.64
CA ASP B 35 -15.41 -2.73 -13.38
C ASP B 35 -14.62 -4.02 -14.50
C ASP B 35 -15.28 -3.91 -14.34
N THR B 36 -13.92 -5.14 -14.46
N THR B 36 -14.32 -4.79 -14.08
CA THR B 36 -14.25 -6.32 -15.26
CA THR B 36 -14.13 -5.97 -14.91
C THR B 36 -15.63 -6.90 -14.98
C THR B 36 -15.46 -6.72 -14.91
N GLY B 37 -16.22 -6.46 -13.86
N GLY B 37 -16.19 -6.56 -13.81
CA GLY B 37 -17.53 -6.94 -13.45
CA GLY B 37 -17.47 -7.22 -13.60
C GLY B 37 -18.70 -6.82 -14.38
C GLY B 37 -18.65 -6.92 -14.50
N GLY B 38 -18.96 -5.61 -14.85
N GLY B 38 -18.89 -5.65 -14.84
CA GLY B 38 -20.10 -5.39 -15.74
CA GLY B 38 -20.01 -5.31 -15.70
C GLY B 38 -20.99 -4.37 -15.07
C GLY B 38 -20.96 -4.31 -15.07
N VAL B 39 -21.89 -3.76 -15.85
CA VAL B 39 -22.80 -2.76 -15.31
C VAL B 39 -23.80 -3.22 -14.24
N LYS B 40 -24.42 -4.38 -14.43
CA LYS B 40 -25.39 -4.89 -13.47
C LYS B 40 -24.71 -5.18 -12.15
N GLN B 41 -23.57 -5.84 -12.24
CA GLN B 41 -22.78 -6.19 -11.07
C GLN B 41 -22.32 -4.91 -10.35
N ALA B 42 -21.93 -3.90 -11.11
CA ALA B 42 -21.47 -2.65 -10.51
C ALA B 42 -22.53 -2.01 -9.62
N SER B 43 -23.76 -1.90 -10.11
CA SER B 43 -24.82 -1.28 -9.33
C SER B 43 -25.37 -2.19 -8.24
N HIS B 44 -25.35 -3.50 -8.47
CA HIS B 44 -25.85 -4.42 -7.47
C HIS B 44 -24.99 -4.39 -6.22
N LEU B 45 -23.68 -4.53 -6.41
CA LEU B 45 -22.72 -4.52 -5.32
C LEU B 45 -22.55 -3.16 -4.67
N LEU B 46 -23.00 -2.09 -5.36
CA LEU B 46 -22.89 -0.75 -4.79
C LEU B 46 -24.10 -0.55 -3.88
N LYS B 47 -25.23 -1.12 -4.28
CA LYS B 47 -26.46 -1.01 -3.50
C LYS B 47 -26.43 -1.95 -2.29
N TYR B 48 -25.89 -3.15 -2.49
CA TYR B 48 -25.86 -4.15 -1.43
C TYR B 48 -24.45 -4.51 -0.97
N ASP B 49 -24.17 -4.23 0.30
CA ASP B 49 -22.86 -4.50 0.88
C ASP B 49 -23.00 -5.27 2.20
N SER B 50 -22.36 -6.43 2.26
CA SER B 50 -22.41 -7.26 3.47
C SER B 50 -21.86 -6.54 4.69
N ILE B 51 -20.87 -5.67 4.47
CA ILE B 51 -20.24 -4.91 5.54
C ILE B 51 -20.87 -3.55 5.78
N LEU B 52 -21.00 -2.75 4.73
CA LEU B 52 -21.57 -1.41 4.86
C LEU B 52 -23.08 -1.41 5.01
N GLY B 53 -23.74 -2.42 4.46
CA GLY B 53 -25.18 -2.47 4.54
C GLY B 53 -25.78 -1.89 3.28
N THR B 54 -27.09 -1.75 3.24
CA THR B 54 -27.76 -1.23 2.06
C THR B 54 -27.58 0.29 1.89
N PHE B 55 -26.92 0.65 0.79
CA PHE B 55 -26.65 2.04 0.44
C PHE B 55 -27.96 2.83 0.34
N ASP B 56 -28.13 3.79 1.24
CA ASP B 56 -29.35 4.61 1.26
C ASP B 56 -29.36 5.64 0.14
N ALA B 57 -29.60 5.16 -1.07
CA ALA B 57 -29.65 6.00 -2.25
C ALA B 57 -30.23 5.16 -3.37
N ASP B 58 -30.84 5.81 -4.35
CA ASP B 58 -31.42 5.09 -5.47
C ASP B 58 -30.34 4.76 -6.49
N VAL B 59 -29.92 3.50 -6.51
CA VAL B 59 -28.91 3.04 -7.41
C VAL B 59 -29.58 2.16 -8.44
N LYS B 60 -29.36 2.45 -9.71
CA LYS B 60 -29.95 1.64 -10.77
C LYS B 60 -28.97 1.59 -11.92
N THR B 61 -29.21 0.66 -12.85
CA THR B 61 -28.37 0.58 -14.02
C THR B 61 -28.97 1.62 -14.96
N ALA B 62 -28.18 2.08 -15.92
CA ALA B 62 -28.65 3.08 -16.89
C ALA B 62 -28.27 2.59 -18.26
N GLY B 63 -29.23 2.05 -18.98
CA GLY B 63 -28.92 1.51 -20.29
C GLY B 63 -28.11 0.25 -20.09
N ASP B 64 -26.98 0.14 -20.77
CA ASP B 64 -26.14 -1.03 -20.63
C ASP B 64 -24.72 -0.51 -20.55
N SER B 65 -24.61 0.79 -20.33
CA SER B 65 -23.32 1.45 -20.31
C SER B 65 -23.07 2.31 -19.10
N ALA B 66 -24.02 2.37 -18.17
CA ALA B 66 -23.82 3.21 -16.99
C ALA B 66 -24.68 2.84 -15.79
N ILE B 67 -24.42 3.51 -14.67
CA ILE B 67 -25.19 3.30 -13.45
C ILE B 67 -25.59 4.68 -12.97
N SER B 68 -26.62 4.74 -12.15
CA SER B 68 -27.12 6.00 -11.63
C SER B 68 -27.22 5.98 -10.11
N VAL B 69 -26.84 7.09 -9.48
CA VAL B 69 -26.90 7.22 -8.03
C VAL B 69 -27.65 8.52 -7.72
N ASP B 70 -28.89 8.40 -7.29
CA ASP B 70 -29.71 9.58 -7.00
C ASP B 70 -29.67 10.55 -8.18
N GLY B 71 -29.78 10.04 -9.39
CA GLY B 71 -29.77 10.92 -10.55
C GLY B 71 -28.42 11.08 -11.23
N LYS B 72 -27.34 11.16 -10.46
CA LYS B 72 -26.00 11.31 -11.03
C LYS B 72 -25.68 10.08 -11.86
N VAL B 73 -25.49 10.26 -13.16
CA VAL B 73 -25.17 9.13 -14.03
C VAL B 73 -23.68 8.97 -14.12
N ILE B 74 -23.20 7.74 -14.00
CA ILE B 74 -21.77 7.45 -14.04
C ILE B 74 -21.48 6.40 -15.11
N LYS B 75 -20.59 6.74 -16.02
CA LYS B 75 -20.23 5.85 -17.11
C LYS B 75 -19.51 4.63 -16.54
N VAL B 76 -19.76 3.46 -17.13
CA VAL B 76 -19.10 2.25 -16.69
C VAL B 76 -18.51 1.50 -17.88
N VAL B 77 -17.22 1.17 -17.79
CA VAL B 77 -16.52 0.45 -18.83
C VAL B 77 -15.86 -0.81 -18.26
N SER B 78 -15.25 -1.61 -19.14
CA SER B 78 -14.58 -2.84 -18.71
C SER B 78 -13.39 -3.17 -19.60
N ASP B 79 -12.20 -2.86 -19.09
CA ASP B 79 -10.95 -3.13 -19.79
C ASP B 79 -9.91 -3.55 -18.76
N ARG B 80 -9.41 -4.78 -18.88
CA ARG B 80 -8.40 -5.30 -17.97
C ARG B 80 -7.10 -4.54 -18.26
N ASN B 81 -6.97 -4.12 -19.51
CA ASN B 81 -5.77 -3.41 -19.97
C ASN B 81 -5.95 -1.90 -19.97
N PRO B 82 -5.38 -1.22 -18.96
CA PRO B 82 -5.47 0.23 -18.80
C PRO B 82 -5.15 1.01 -20.06
N VAL B 83 -4.15 0.56 -20.81
CA VAL B 83 -3.74 1.24 -22.03
C VAL B 83 -4.93 1.52 -22.94
N ASN B 84 -5.93 0.65 -22.88
CA ASN B 84 -7.10 0.76 -23.72
C ASN B 84 -8.25 1.59 -23.14
N LEU B 85 -8.09 2.10 -21.93
CA LEU B 85 -9.14 2.91 -21.31
C LEU B 85 -9.32 4.28 -21.98
N PRO B 86 -10.57 4.77 -22.05
CA PRO B 86 -10.96 6.07 -22.66
C PRO B 86 -10.60 7.30 -21.84
N TRP B 87 -9.53 7.26 -21.06
CA TRP B 87 -9.16 8.40 -20.23
C TRP B 87 -8.94 9.71 -21.00
N GLY B 88 -8.10 9.66 -22.03
CA GLY B 88 -7.85 10.85 -22.83
C GLY B 88 -9.12 11.37 -23.49
N ASP B 89 -9.89 10.46 -24.08
CA ASP B 89 -11.13 10.83 -24.73
C ASP B 89 -12.12 11.54 -23.80
N MET B 90 -12.25 11.03 -22.59
CA MET B 90 -13.18 11.60 -21.63
C MET B 90 -12.60 12.80 -20.93
N GLY B 91 -11.29 13.00 -21.11
CA GLY B 91 -10.64 14.12 -20.47
C GLY B 91 -10.53 13.87 -18.97
N ILE B 92 -10.18 12.65 -18.59
CA ILE B 92 -10.05 12.30 -17.18
C ILE B 92 -8.82 12.95 -16.55
N ASP B 93 -9.02 13.63 -15.43
CA ASP B 93 -7.93 14.28 -14.73
C ASP B 93 -7.20 13.34 -13.77
N LEU B 94 -7.95 12.59 -12.98
CA LEU B 94 -7.37 11.70 -12.00
C LEU B 94 -7.95 10.27 -11.97
N VAL B 95 -7.07 9.29 -12.03
CA VAL B 95 -7.49 7.90 -11.96
C VAL B 95 -7.22 7.35 -10.56
N ILE B 96 -8.25 6.80 -9.94
CA ILE B 96 -8.13 6.19 -8.61
C ILE B 96 -7.77 4.73 -8.88
N GLU B 97 -6.50 4.38 -8.73
CA GLU B 97 -6.05 3.00 -8.99
C GLU B 97 -6.41 2.09 -7.83
N GLY B 98 -7.48 1.32 -7.97
CA GLY B 98 -7.90 0.44 -6.88
C GLY B 98 -7.99 -1.04 -7.22
N THR B 99 -7.36 -1.45 -8.31
CA THR B 99 -7.38 -2.84 -8.71
C THR B 99 -6.45 -3.66 -7.83
N GLY B 100 -5.41 -2.99 -7.33
CA GLY B 100 -4.44 -3.66 -6.49
C GLY B 100 -3.37 -4.36 -7.31
N VAL B 101 -3.46 -4.25 -8.64
CA VAL B 101 -2.50 -4.90 -9.53
C VAL B 101 -1.62 -3.94 -10.35
N PHE B 102 -1.82 -2.64 -10.19
CA PHE B 102 -1.03 -1.63 -10.91
C PHE B 102 -0.51 -0.68 -9.84
N VAL B 103 0.34 -1.23 -8.97
CA VAL B 103 0.89 -0.47 -7.86
C VAL B 103 2.28 0.08 -8.14
N ASP B 104 2.84 -0.27 -9.29
CA ASP B 104 4.17 0.22 -9.64
C ASP B 104 4.06 1.20 -10.81
N ARG B 105 5.12 1.97 -11.00
CA ARG B 105 5.20 2.98 -12.04
C ARG B 105 4.83 2.47 -13.44
N ASP B 106 5.36 1.30 -13.84
CA ASP B 106 5.02 0.75 -15.15
C ASP B 106 3.55 0.41 -15.31
N GLY B 107 2.94 -0.05 -14.21
CA GLY B 107 1.54 -0.40 -14.26
C GLY B 107 0.65 0.83 -14.30
N ALA B 108 0.71 1.62 -13.23
CA ALA B 108 -0.10 2.84 -13.17
C ALA B 108 0.23 3.73 -14.38
N GLY B 109 1.47 3.64 -14.85
CA GLY B 109 1.89 4.44 -15.99
C GLY B 109 1.04 4.22 -17.23
N LYS B 110 0.38 3.07 -17.31
CA LYS B 110 -0.48 2.74 -18.44
C LYS B 110 -1.71 3.65 -18.49
N HIS B 111 -2.16 4.12 -17.34
CA HIS B 111 -3.32 5.01 -17.31
C HIS B 111 -2.92 6.31 -17.99
N LEU B 112 -1.68 6.71 -17.79
CA LEU B 112 -1.16 7.93 -18.37
C LEU B 112 -1.10 7.87 -19.88
N GLN B 113 -0.58 6.78 -20.44
CA GLN B 113 -0.51 6.73 -21.90
C GLN B 113 -1.91 6.58 -22.49
N ALA B 114 -2.89 6.32 -21.63
CA ALA B 114 -4.28 6.19 -22.10
C ALA B 114 -4.98 7.54 -22.00
N GLY B 115 -4.23 8.57 -21.58
CA GLY B 115 -4.83 9.89 -21.51
C GLY B 115 -5.09 10.51 -20.16
N ALA B 116 -5.07 9.72 -19.09
CA ALA B 116 -5.29 10.26 -17.76
C ALA B 116 -4.14 11.22 -17.47
N LYS B 117 -4.34 12.15 -16.55
CA LYS B 117 -3.31 13.12 -16.22
C LYS B 117 -2.59 12.78 -14.94
N LYS B 118 -3.26 12.05 -14.05
CA LYS B 118 -2.70 11.65 -12.78
C LYS B 118 -3.32 10.36 -12.27
N VAL B 119 -2.50 9.57 -11.57
CA VAL B 119 -2.96 8.32 -10.98
C VAL B 119 -2.71 8.34 -9.48
N LEU B 120 -3.74 7.99 -8.70
CA LEU B 120 -3.63 7.92 -7.25
C LEU B 120 -3.87 6.46 -6.85
N ILE B 121 -2.80 5.80 -6.45
CA ILE B 121 -2.83 4.39 -6.05
C ILE B 121 -3.34 4.23 -4.62
N THR B 122 -4.34 3.37 -4.45
CA THR B 122 -4.96 3.12 -3.14
C THR B 122 -4.21 2.05 -2.35
N ALA B 123 -2.90 1.99 -2.54
CA ALA B 123 -2.06 1.02 -1.87
C ALA B 123 -0.60 1.48 -1.91
N PRO B 124 0.26 0.88 -1.08
CA PRO B 124 1.68 1.27 -1.09
C PRO B 124 2.24 1.22 -2.50
N GLY B 125 2.79 2.34 -2.96
CA GLY B 125 3.36 2.38 -4.29
C GLY B 125 4.64 1.56 -4.34
N LYS B 126 4.86 0.85 -5.44
CA LYS B 126 6.06 0.03 -5.58
C LYS B 126 7.17 0.80 -6.28
N GLY B 127 8.31 0.95 -5.61
CA GLY B 127 9.42 1.66 -6.19
C GLY B 127 9.46 3.12 -5.80
N ASP B 128 9.93 3.96 -6.70
CA ASP B 128 10.03 5.39 -6.44
C ASP B 128 8.75 6.16 -6.73
N ILE B 129 7.72 5.92 -5.92
CA ILE B 129 6.43 6.59 -6.07
C ILE B 129 6.11 7.39 -4.80
N PRO B 130 5.88 8.70 -4.95
CA PRO B 130 5.56 9.56 -3.80
C PRO B 130 4.41 9.00 -2.97
N THR B 131 4.63 8.91 -1.67
CA THR B 131 3.64 8.39 -0.74
C THR B 131 3.24 9.47 0.25
N TYR B 132 1.96 9.56 0.54
CA TYR B 132 1.49 10.57 1.48
C TYR B 132 0.39 10.05 2.38
N VAL B 133 0.32 10.61 3.59
CA VAL B 133 -0.68 10.24 4.57
C VAL B 133 -1.26 11.54 5.11
N VAL B 134 -2.56 11.73 4.92
CA VAL B 134 -3.24 12.94 5.36
C VAL B 134 -3.12 13.11 6.88
N GLY B 135 -2.61 14.28 7.27
CA GLY B 135 -2.44 14.58 8.68
C GLY B 135 -0.97 14.47 9.06
N VAL B 136 -0.19 13.85 8.18
CA VAL B 136 1.24 13.68 8.41
C VAL B 136 2.14 14.48 7.46
N ASN B 137 2.21 14.07 6.20
CA ASN B 137 3.07 14.76 5.23
C ASN B 137 2.41 15.18 3.93
N GLU B 138 1.10 15.41 3.93
CA GLU B 138 0.44 15.80 2.69
C GLU B 138 1.04 17.05 2.07
N GLU B 139 1.37 18.04 2.89
CA GLU B 139 1.95 19.27 2.39
C GLU B 139 3.12 19.09 1.42
N GLY B 140 3.75 17.92 1.49
CA GLY B 140 4.88 17.64 0.61
C GLY B 140 4.45 17.30 -0.81
N TYR B 141 3.15 17.21 -1.03
CA TYR B 141 2.61 16.89 -2.34
C TYR B 141 2.65 18.11 -3.26
N THR B 142 2.99 17.88 -4.52
CA THR B 142 3.03 18.96 -5.51
C THR B 142 2.33 18.48 -6.77
N HIS B 143 1.75 19.42 -7.51
CA HIS B 143 1.06 19.08 -8.73
C HIS B 143 1.97 18.34 -9.72
N ALA B 144 3.29 18.46 -9.55
CA ALA B 144 4.22 17.81 -10.45
C ALA B 144 4.21 16.29 -10.33
N ASP B 145 3.83 15.76 -9.17
CA ASP B 145 3.80 14.30 -9.02
C ASP B 145 2.76 13.72 -9.97
N THR B 146 3.21 12.88 -10.88
CA THR B 146 2.32 12.26 -11.85
C THR B 146 1.61 11.03 -11.31
N ILE B 147 2.29 10.31 -10.42
CA ILE B 147 1.73 9.10 -9.82
C ILE B 147 2.01 9.12 -8.31
N ILE B 148 0.97 9.00 -7.50
CA ILE B 148 1.15 9.02 -6.06
C ILE B 148 0.53 7.82 -5.35
N SER B 149 0.79 7.71 -4.05
CA SER B 149 0.26 6.61 -3.24
C SER B 149 -0.32 7.07 -1.91
N ASN B 150 -1.39 6.44 -1.47
CA ASN B 150 -2.00 6.81 -0.21
C ASN B 150 -1.58 5.84 0.89
N ALA B 151 -0.60 4.99 0.59
CA ALA B 151 -0.09 4.01 1.55
C ALA B 151 -1.18 3.02 1.98
N SER B 152 -0.81 2.10 2.87
CA SER B 152 -1.74 1.09 3.37
C SER B 152 -2.67 1.64 4.43
N CYS B 153 -3.64 0.83 4.84
CA CYS B 153 -4.60 1.22 5.86
C CYS B 153 -3.90 1.24 7.21
N THR B 154 -3.01 0.28 7.43
CA THR B 154 -2.28 0.20 8.68
C THR B 154 -1.38 1.43 8.85
N THR B 155 -0.63 1.76 7.81
CA THR B 155 0.24 2.93 7.86
C THR B 155 -0.59 4.15 8.23
N ASN B 156 -1.75 4.29 7.60
CA ASN B 156 -2.60 5.43 7.91
C ASN B 156 -3.08 5.40 9.35
N CYS B 157 -2.96 4.25 10.00
CA CYS B 157 -3.36 4.12 11.40
C CYS B 157 -2.19 4.47 12.30
N LEU B 158 -1.02 3.95 11.96
CA LEU B 158 0.21 4.19 12.73
C LEU B 158 0.71 5.63 12.71
N ALA B 159 1.25 6.04 11.56
CA ALA B 159 1.80 7.38 11.36
C ALA B 159 1.15 8.50 12.16
N PRO B 160 -0.18 8.67 12.04
CA PRO B 160 -0.84 9.74 12.79
C PRO B 160 -0.51 9.80 14.28
N PHE B 161 -0.61 8.67 14.99
CA PHE B 161 -0.32 8.71 16.42
C PHE B 161 1.17 8.49 16.71
N VAL B 162 1.88 7.86 15.79
CA VAL B 162 3.31 7.63 15.97
C VAL B 162 4.00 9.00 15.93
N LYS B 163 3.46 9.88 15.09
CA LYS B 163 3.98 11.24 14.94
C LYS B 163 3.83 11.99 16.26
N VAL B 164 2.65 11.87 16.87
CA VAL B 164 2.37 12.54 18.14
C VAL B 164 3.28 12.03 19.26
N LEU B 165 3.74 10.79 19.12
CA LEU B 165 4.63 10.18 20.12
C LEU B 165 6.05 10.69 19.97
N ASP B 166 6.61 10.58 18.77
CA ASP B 166 7.97 11.02 18.51
C ASP B 166 8.11 12.50 18.84
N GLN B 167 7.13 13.28 18.39
CA GLN B 167 7.10 14.71 18.61
C GLN B 167 7.10 15.12 20.08
N LYS B 168 6.63 14.25 20.96
CA LYS B 168 6.57 14.60 22.38
C LYS B 168 7.31 13.67 23.36
N PHE B 169 8.01 12.66 22.86
CA PHE B 169 8.73 11.74 23.74
C PHE B 169 9.98 11.19 23.07
N GLY B 170 10.08 11.36 21.77
CA GLY B 170 11.24 10.87 21.05
C GLY B 170 11.28 9.35 20.98
N ILE B 171 10.82 8.81 19.86
CA ILE B 171 10.81 7.38 19.66
C ILE B 171 12.20 6.86 19.33
N ILE B 172 12.82 6.22 20.31
CA ILE B 172 14.16 5.67 20.12
C ILE B 172 14.07 4.45 19.21
N LYS B 173 13.18 3.53 19.58
CA LYS B 173 13.00 2.30 18.83
C LYS B 173 11.61 1.74 19.11
N GLY B 174 11.20 0.74 18.34
CA GLY B 174 9.88 0.16 18.54
C GLY B 174 9.44 -0.85 17.50
N THR B 175 8.42 -1.63 17.85
CA THR B 175 7.89 -2.64 16.96
C THR B 175 6.36 -2.70 17.13
N MET B 176 5.67 -3.22 16.13
CA MET B 176 4.22 -3.32 16.22
C MET B 176 3.66 -4.56 15.56
N THR B 177 2.40 -4.84 15.89
CA THR B 177 1.68 -5.99 15.33
C THR B 177 0.25 -5.54 15.08
N THR B 178 -0.28 -5.93 13.94
CA THR B 178 -1.67 -5.57 13.64
C THR B 178 -2.48 -6.85 13.49
N THR B 179 -3.54 -6.95 14.27
CA THR B 179 -4.45 -8.09 14.21
C THR B 179 -5.46 -7.55 13.21
N HIS B 180 -5.22 -7.86 11.95
CA HIS B 180 -6.00 -7.40 10.81
C HIS B 180 -7.16 -8.31 10.38
N SER B 181 -8.27 -7.71 9.98
CA SER B 181 -9.42 -8.46 9.49
C SER B 181 -8.95 -9.01 8.14
N TYR B 182 -9.47 -10.15 7.72
CA TYR B 182 -9.06 -10.71 6.44
C TYR B 182 -9.49 -9.80 5.30
N THR B 183 -8.84 -9.96 4.15
CA THR B 183 -9.14 -9.17 2.97
C THR B 183 -9.21 -10.09 1.76
N GLY B 184 -9.71 -9.55 0.65
CA GLY B 184 -9.85 -10.32 -0.57
C GLY B 184 -8.57 -11.02 -1.03
N ASP B 185 -7.43 -10.59 -0.52
CA ASP B 185 -6.19 -11.20 -0.92
C ASP B 185 -6.06 -12.63 -0.39
N GLN B 186 -6.69 -12.90 0.74
CA GLN B 186 -6.63 -14.22 1.35
C GLN B 186 -7.60 -15.23 0.72
N ARG B 187 -7.25 -16.52 0.83
CA ARG B 187 -8.08 -17.59 0.30
C ARG B 187 -9.27 -17.90 1.20
N LEU B 188 -10.39 -18.31 0.61
CA LEU B 188 -11.58 -18.65 1.39
C LEU B 188 -11.33 -20.00 2.06
N LEU B 189 -10.68 -20.88 1.31
CA LEU B 189 -10.32 -22.20 1.77
C LEU B 189 -8.90 -22.44 1.26
N ASP B 190 -8.15 -23.31 1.94
CA ASP B 190 -6.78 -23.60 1.54
C ASP B 190 -6.63 -23.70 0.03
N ALA B 191 -5.81 -22.82 -0.54
CA ALA B 191 -5.57 -22.79 -1.99
C ALA B 191 -4.32 -22.00 -2.35
N SER B 192 -3.86 -22.16 -3.59
CA SER B 192 -2.66 -21.49 -4.12
C SER B 192 -2.52 -20.02 -3.71
N HIS B 193 -1.28 -19.61 -3.47
CA HIS B 193 -0.96 -18.24 -3.08
C HIS B 193 0.54 -18.19 -2.77
N ARG B 194 1.21 -17.13 -3.21
CA ARG B 194 2.65 -16.99 -2.97
C ARG B 194 2.95 -17.13 -1.48
N ASP B 195 2.16 -16.44 -0.66
CA ASP B 195 2.30 -16.48 0.79
C ASP B 195 1.59 -17.74 1.30
N LEU B 196 2.36 -18.77 1.60
CA LEU B 196 1.80 -20.03 2.08
C LEU B 196 0.90 -19.89 3.32
N ARG B 197 0.97 -18.75 3.99
CA ARG B 197 0.12 -18.53 5.15
C ARG B 197 -1.19 -17.87 4.72
N ARG B 198 -1.14 -17.08 3.66
CA ARG B 198 -2.33 -16.43 3.15
C ARG B 198 -3.09 -17.42 2.25
N ALA B 199 -2.47 -18.56 2.01
CA ALA B 199 -3.06 -19.58 1.18
C ALA B 199 -4.01 -20.45 2.00
N ARG B 200 -4.15 -20.10 3.29
CA ARG B 200 -4.97 -20.87 4.20
C ARG B 200 -6.32 -20.25 4.57
N ALA B 201 -7.32 -21.12 4.77
CA ALA B 201 -8.68 -20.72 5.12
C ALA B 201 -8.68 -19.51 6.05
N ALA B 202 -9.23 -18.41 5.56
CA ALA B 202 -9.25 -17.15 6.31
C ALA B 202 -10.22 -17.03 7.47
N CYS B 203 -11.38 -17.67 7.37
CA CYS B 203 -12.36 -17.52 8.44
C CYS B 203 -12.13 -18.60 9.51
N LEU B 204 -11.09 -19.40 9.31
CA LEU B 204 -10.77 -20.49 10.23
C LEU B 204 -9.38 -20.38 10.89
N ASN B 205 -8.65 -19.30 10.62
CA ASN B 205 -7.32 -19.17 11.18
C ASN B 205 -6.89 -17.81 11.69
N ILE B 206 -5.74 -17.82 12.35
CA ILE B 206 -5.07 -16.62 12.83
C ILE B 206 -3.91 -16.75 11.84
N VAL B 207 -3.80 -15.81 10.92
CA VAL B 207 -2.77 -15.90 9.90
C VAL B 207 -1.70 -14.81 9.96
N PRO B 208 -0.47 -15.20 10.34
CA PRO B 208 0.61 -14.22 10.41
C PRO B 208 1.04 -13.94 8.98
N THR B 209 1.32 -12.69 8.68
CA THR B 209 1.76 -12.32 7.35
C THR B 209 2.52 -11.02 7.45
N SER B 210 3.47 -10.84 6.54
CA SER B 210 4.29 -9.65 6.52
C SER B 210 3.52 -8.36 6.25
N THR B 211 4.07 -7.26 6.74
CA THR B 211 3.49 -5.94 6.56
C THR B 211 4.63 -4.96 6.35
N GLY B 212 4.38 -3.90 5.59
CA GLY B 212 5.40 -2.89 5.37
C GLY B 212 4.96 -1.64 6.09
N ALA B 213 3.73 -1.69 6.59
CA ALA B 213 3.10 -0.57 7.29
C ALA B 213 4.02 0.17 8.25
N ALA B 214 5.05 -0.51 8.74
CA ALA B 214 5.99 0.12 9.69
C ALA B 214 7.18 0.78 8.99
N LYS B 215 7.72 0.09 7.99
CA LYS B 215 8.85 0.64 7.25
C LYS B 215 8.36 1.86 6.45
N ALA B 216 7.10 1.80 6.03
CA ALA B 216 6.49 2.88 5.25
C ALA B 216 6.29 4.13 6.09
N VAL B 217 6.14 3.96 7.41
CA VAL B 217 5.95 5.10 8.29
C VAL B 217 7.12 6.06 8.17
N ALA B 218 8.30 5.51 7.87
CA ALA B 218 9.51 6.32 7.74
C ALA B 218 9.38 7.27 6.56
N LEU B 219 8.62 6.86 5.55
CA LEU B 219 8.42 7.69 4.37
C LEU B 219 7.67 8.98 4.68
N VAL B 220 6.60 8.88 5.46
CA VAL B 220 5.83 10.07 5.80
C VAL B 220 6.40 10.79 7.02
N LEU B 221 7.19 10.06 7.80
CA LEU B 221 7.83 10.60 9.00
C LEU B 221 9.29 10.19 8.97
N PRO B 222 10.15 11.02 8.34
CA PRO B 222 11.59 10.80 8.20
C PRO B 222 12.35 10.52 9.50
N ASN B 223 11.95 11.21 10.57
CA ASN B 223 12.58 11.05 11.88
C ASN B 223 12.59 9.62 12.39
N LEU B 224 11.72 8.77 11.84
CA LEU B 224 11.61 7.38 12.28
C LEU B 224 12.26 6.37 11.33
N LYS B 225 13.12 6.83 10.44
CA LYS B 225 13.76 5.92 9.50
C LYS B 225 14.48 4.80 10.23
N GLY B 226 14.29 3.57 9.76
CA GLY B 226 14.95 2.41 10.35
C GLY B 226 14.83 2.24 11.86
N LYS B 227 13.75 2.74 12.45
CA LYS B 227 13.55 2.64 13.90
C LYS B 227 12.36 1.74 14.26
N LEU B 228 11.48 1.48 13.30
CA LEU B 228 10.31 0.65 13.55
C LEU B 228 10.25 -0.60 12.70
N ASN B 229 9.38 -1.50 13.11
CA ASN B 229 9.17 -2.75 12.39
C ASN B 229 7.87 -3.34 12.93
N GLY B 230 7.50 -4.50 12.43
CA GLY B 230 6.28 -5.13 12.90
C GLY B 230 5.80 -6.22 11.98
N ILE B 231 4.71 -6.88 12.39
CA ILE B 231 4.13 -7.95 11.60
C ILE B 231 2.62 -7.85 11.68
N ALA B 232 1.93 -8.75 10.98
CA ALA B 232 0.48 -8.74 10.98
C ALA B 232 -0.14 -10.12 11.20
N LEU B 233 -1.26 -10.14 11.91
CA LEU B 233 -1.98 -11.37 12.19
C LEU B 233 -3.42 -11.22 11.67
N ARG B 234 -3.74 -11.94 10.59
CA ARG B 234 -5.08 -11.87 10.00
C ARG B 234 -6.03 -12.77 10.79
N VAL B 235 -7.08 -12.17 11.34
CA VAL B 235 -8.06 -12.91 12.11
C VAL B 235 -9.43 -12.98 11.43
N PRO B 236 -10.27 -13.95 11.83
CA PRO B 236 -11.60 -14.16 11.27
C PRO B 236 -12.67 -13.07 11.42
N THR B 237 -12.33 -11.83 11.08
CA THR B 237 -13.31 -10.75 11.11
C THR B 237 -13.28 -10.09 9.72
N PRO B 238 -14.44 -9.61 9.25
CA PRO B 238 -14.63 -8.96 7.94
C PRO B 238 -14.07 -7.55 7.77
N ASN B 239 -14.21 -6.72 8.80
CA ASN B 239 -13.73 -5.36 8.72
C ASN B 239 -13.33 -4.82 10.09
N VAL B 240 -12.48 -3.80 10.08
CA VAL B 240 -11.95 -3.16 11.29
C VAL B 240 -10.77 -3.95 11.84
N SER B 241 -9.66 -3.25 12.03
CA SER B 241 -8.43 -3.87 12.53
C SER B 241 -7.91 -3.07 13.72
N VAL B 242 -6.82 -3.55 14.31
CA VAL B 242 -6.26 -2.85 15.45
C VAL B 242 -4.74 -2.96 15.47
N VAL B 243 -4.09 -1.87 15.86
CA VAL B 243 -2.64 -1.83 15.91
C VAL B 243 -2.12 -1.92 17.33
N ASP B 244 -1.07 -2.72 17.50
CA ASP B 244 -0.42 -2.92 18.80
C ASP B 244 1.02 -2.41 18.64
N LEU B 245 1.26 -1.19 19.14
CA LEU B 245 2.58 -0.59 19.04
C LEU B 245 3.30 -0.46 20.37
N VAL B 246 4.54 -0.92 20.39
CA VAL B 246 5.39 -0.85 21.58
C VAL B 246 6.69 -0.16 21.19
N VAL B 247 6.91 1.03 21.73
CA VAL B 247 8.12 1.78 21.43
C VAL B 247 8.82 2.29 22.68
N GLN B 248 10.15 2.38 22.59
CA GLN B 248 10.97 2.88 23.69
C GLN B 248 11.19 4.37 23.43
N VAL B 249 10.66 5.21 24.31
CA VAL B 249 10.80 6.66 24.16
C VAL B 249 11.91 7.25 25.04
N SER B 250 12.54 8.32 24.55
CA SER B 250 13.63 8.99 25.25
C SER B 250 13.19 9.69 26.53
N LYS B 251 11.99 10.26 26.51
CA LYS B 251 11.47 10.96 27.67
C LYS B 251 10.62 10.06 28.57
N LYS B 252 11.07 9.89 29.82
CA LYS B 252 10.35 9.06 30.77
C LYS B 252 8.93 9.60 30.92
N THR B 253 7.95 8.72 30.77
CA THR B 253 6.54 9.14 30.86
C THR B 253 5.64 8.07 31.49
N PHE B 254 4.37 8.41 31.64
CA PHE B 254 3.39 7.49 32.21
C PHE B 254 2.11 7.51 31.36
N ALA B 255 1.39 6.39 31.38
CA ALA B 255 0.16 6.23 30.61
C ALA B 255 -0.78 7.44 30.59
N GLU B 256 -1.07 8.00 31.75
CA GLU B 256 -1.97 9.13 31.84
C GLU B 256 -1.68 10.31 30.90
N GLU B 257 -0.43 10.77 30.86
CA GLU B 257 -0.12 11.89 29.98
C GLU B 257 0.06 11.49 28.52
N VAL B 258 0.48 10.26 28.27
CA VAL B 258 0.65 9.79 26.89
C VAL B 258 -0.69 9.90 26.16
N ASN B 259 -1.78 9.56 26.86
CA ASN B 259 -3.12 9.65 26.27
C ASN B 259 -3.49 11.12 26.19
N ALA B 260 -2.95 11.91 27.11
CA ALA B 260 -3.23 13.34 27.13
C ALA B 260 -2.57 14.00 25.93
N ALA B 261 -1.44 13.43 25.48
CA ALA B 261 -0.71 13.94 24.32
C ALA B 261 -1.55 13.69 23.06
N PHE B 262 -2.28 12.58 23.06
CA PHE B 262 -3.14 12.20 21.94
C PHE B 262 -4.42 13.03 21.94
N ARG B 263 -5.06 13.13 23.10
CA ARG B 263 -6.30 13.88 23.19
C ARG B 263 -6.04 15.33 22.80
N GLU B 264 -4.80 15.75 22.93
CA GLU B 264 -4.42 17.11 22.60
C GLU B 264 -4.30 17.31 21.09
N SER B 265 -3.65 16.36 20.42
CA SER B 265 -3.48 16.42 18.97
C SER B 265 -4.76 16.08 18.24
N ALA B 266 -5.50 15.10 18.75
CA ALA B 266 -6.75 14.68 18.15
C ALA B 266 -7.76 15.82 18.17
N ASP B 267 -7.55 16.78 19.07
CA ASP B 267 -8.45 17.91 19.19
C ASP B 267 -7.94 19.13 18.41
N ASN B 268 -6.68 19.07 17.97
CA ASN B 268 -6.10 20.18 17.22
C ASN B 268 -5.50 19.75 15.88
N GLU B 269 -4.19 19.55 15.86
CA GLU B 269 -3.49 19.17 14.65
C GLU B 269 -4.09 17.98 13.90
N LEU B 270 -4.35 16.88 14.61
CA LEU B 270 -4.89 15.70 13.96
C LEU B 270 -6.39 15.50 14.07
N LYS B 271 -7.14 16.59 14.21
CA LYS B 271 -8.59 16.47 14.29
C LYS B 271 -9.06 15.81 13.00
N GLY B 272 -10.05 14.93 13.10
CA GLY B 272 -10.58 14.25 11.93
C GLY B 272 -9.68 13.13 11.42
N ILE B 273 -8.46 13.05 11.94
CA ILE B 273 -7.53 12.01 11.52
C ILE B 273 -7.27 11.05 12.67
N LEU B 274 -7.07 11.59 13.86
CA LEU B 274 -6.83 10.78 15.03
C LEU B 274 -7.93 11.03 16.04
N SER B 275 -8.23 10.01 16.84
CA SER B 275 -9.26 10.12 17.85
C SER B 275 -8.87 9.25 19.04
N VAL B 276 -9.44 9.57 20.20
CA VAL B 276 -9.14 8.82 21.42
C VAL B 276 -10.44 8.38 22.06
N CYS B 277 -10.60 7.08 22.26
CA CYS B 277 -11.82 6.56 22.85
C CYS B 277 -11.62 6.10 24.29
N ASP B 278 -12.45 6.62 25.19
CA ASP B 278 -12.39 6.24 26.59
C ASP B 278 -13.61 5.38 26.87
N GLU B 279 -13.73 4.27 26.16
CA GLU B 279 -14.89 3.39 26.32
C GLU B 279 -14.50 1.92 26.12
N PRO B 280 -15.11 1.01 26.90
CA PRO B 280 -14.82 -0.42 26.78
C PRO B 280 -15.55 -0.96 25.55
N LEU B 281 -15.01 -0.65 24.37
CA LEU B 281 -15.64 -1.08 23.12
C LEU B 281 -14.88 -2.19 22.41
N VAL B 282 -15.51 -2.76 21.39
CA VAL B 282 -14.89 -3.82 20.61
C VAL B 282 -14.88 -3.42 19.13
N SER B 283 -14.13 -4.18 18.33
CA SER B 283 -14.00 -3.91 16.91
C SER B 283 -15.25 -3.42 16.19
N ILE B 284 -16.32 -4.20 16.25
CA ILE B 284 -17.57 -3.84 15.58
C ILE B 284 -18.02 -2.40 15.82
N ASP B 285 -17.65 -1.83 16.96
CA ASP B 285 -18.05 -0.46 17.32
C ASP B 285 -17.32 0.63 16.53
N PHE B 286 -16.25 0.25 15.86
CA PHE B 286 -15.49 1.21 15.09
C PHE B 286 -15.77 1.13 13.59
N ARG B 287 -16.90 0.50 13.28
CA ARG B 287 -17.37 0.34 11.91
C ARG B 287 -17.80 1.72 11.44
N CYS B 288 -17.37 2.12 10.25
CA CYS B 288 -17.74 3.42 9.69
C CYS B 288 -17.22 4.66 10.38
N THR B 289 -16.02 4.60 10.95
CA THR B 289 -15.45 5.75 11.61
C THR B 289 -14.64 6.48 10.53
N ASP B 290 -14.84 7.79 10.42
CA ASP B 290 -14.13 8.58 9.40
C ASP B 290 -12.65 8.79 9.69
N VAL B 291 -12.27 8.81 10.97
CA VAL B 291 -10.87 9.00 11.31
C VAL B 291 -10.13 7.75 10.84
N SER B 292 -8.81 7.81 10.79
CA SER B 292 -8.04 6.65 10.32
C SER B 292 -7.35 5.97 11.48
N SER B 293 -7.61 6.45 12.70
CA SER B 293 -6.98 5.89 13.87
C SER B 293 -7.69 6.31 15.15
N THR B 294 -8.02 5.33 15.99
CA THR B 294 -8.68 5.62 17.26
C THR B 294 -7.92 4.94 18.39
N ILE B 295 -7.38 5.76 19.28
CA ILE B 295 -6.61 5.27 20.42
C ILE B 295 -7.53 4.73 21.51
N ASP B 296 -7.31 3.50 21.91
CA ASP B 296 -8.10 2.92 22.98
C ASP B 296 -7.35 3.33 24.24
N SER B 297 -7.82 4.41 24.87
CA SER B 297 -7.19 4.97 26.05
C SER B 297 -6.89 3.99 27.18
N SER B 298 -7.94 3.40 27.73
CA SER B 298 -7.79 2.47 28.85
C SER B 298 -6.80 1.35 28.60
N LEU B 299 -6.38 1.15 27.35
CA LEU B 299 -5.44 0.09 27.05
C LEU B 299 -3.98 0.56 26.93
N THR B 300 -3.74 1.85 27.17
CA THR B 300 -2.38 2.37 27.07
C THR B 300 -1.57 2.03 28.33
N MET B 301 -0.37 1.46 28.13
CA MET B 301 0.51 1.09 29.24
C MET B 301 1.94 1.58 29.03
N VAL B 302 2.58 1.95 30.14
CA VAL B 302 3.97 2.38 30.10
C VAL B 302 4.70 1.43 31.06
N MET B 303 5.61 0.64 30.49
CA MET B 303 6.35 -0.35 31.26
C MET B 303 7.79 0.08 31.55
N GLY B 304 8.01 0.67 32.72
CA GLY B 304 9.36 1.09 33.09
C GLY B 304 9.69 2.52 32.69
N ASP B 305 8.66 3.37 32.61
CA ASP B 305 8.83 4.77 32.25
C ASP B 305 9.28 5.08 30.82
N ASP B 306 9.98 4.14 30.17
CA ASP B 306 10.46 4.37 28.82
C ASP B 306 9.90 3.43 27.75
N MET B 307 8.98 2.54 28.13
CA MET B 307 8.39 1.61 27.17
C MET B 307 6.88 1.86 27.10
N VAL B 308 6.45 2.45 25.99
CA VAL B 308 5.04 2.78 25.78
C VAL B 308 4.33 1.78 24.87
N LYS B 309 3.12 1.37 25.27
CA LYS B 309 2.32 0.44 24.48
C LYS B 309 1.01 1.12 24.09
N VAL B 310 0.76 1.24 22.79
CA VAL B 310 -0.47 1.88 22.33
C VAL B 310 -1.29 0.96 21.41
N ILE B 311 -2.60 0.94 21.64
CA ILE B 311 -3.51 0.11 20.86
C ILE B 311 -4.50 1.01 20.12
N ALA B 312 -4.52 0.90 18.79
CA ALA B 312 -5.40 1.74 17.99
C ALA B 312 -6.27 0.98 16.99
N TRP B 313 -7.54 1.36 16.94
CA TRP B 313 -8.50 0.74 16.03
C TRP B 313 -8.61 1.54 14.73
N TYR B 314 -8.99 0.86 13.66
CA TYR B 314 -9.17 1.53 12.39
C TYR B 314 -10.04 0.73 11.43
N ASP B 315 -10.96 1.43 10.78
CA ASP B 315 -11.83 0.80 9.79
C ASP B 315 -11.01 0.76 8.52
N ASN B 316 -10.25 -0.33 8.35
CA ASN B 316 -9.38 -0.48 7.20
C ASN B 316 -10.02 -0.27 5.82
N GLU B 317 -11.35 -0.18 5.77
CA GLU B 317 -12.03 0.02 4.51
C GLU B 317 -12.53 1.45 4.42
N TRP B 318 -13.53 1.74 5.22
CA TRP B 318 -14.15 3.05 5.25
C TRP B 318 -13.16 4.14 5.64
N GLY B 319 -12.45 3.92 6.75
CA GLY B 319 -11.49 4.90 7.21
C GLY B 319 -10.47 5.22 6.15
N TYR B 320 -9.95 4.19 5.50
CA TYR B 320 -8.96 4.39 4.46
C TYR B 320 -9.54 5.19 3.30
N SER B 321 -10.71 4.76 2.82
CA SER B 321 -11.37 5.42 1.72
C SER B 321 -11.59 6.91 2.00
N GLN B 322 -11.98 7.24 3.23
CA GLN B 322 -12.19 8.65 3.56
C GLN B 322 -10.87 9.40 3.32
N ARG B 323 -9.76 8.71 3.53
CA ARG B 323 -8.45 9.32 3.33
C ARG B 323 -8.15 9.45 1.85
N VAL B 324 -8.49 8.41 1.09
CA VAL B 324 -8.28 8.43 -0.34
C VAL B 324 -9.02 9.63 -0.92
N VAL B 325 -10.23 9.87 -0.43
CA VAL B 325 -11.03 11.01 -0.89
C VAL B 325 -10.30 12.30 -0.53
N ASP B 326 -9.80 12.36 0.70
CA ASP B 326 -9.08 13.52 1.18
C ASP B 326 -7.88 13.85 0.29
N LEU B 327 -7.08 12.84 -0.03
CA LEU B 327 -5.92 13.06 -0.88
C LEU B 327 -6.34 13.51 -2.28
N ALA B 328 -7.45 12.96 -2.78
CA ALA B 328 -7.96 13.35 -4.10
C ALA B 328 -8.30 14.84 -4.02
N ASP B 329 -8.91 15.23 -2.91
CA ASP B 329 -9.28 16.62 -2.66
C ASP B 329 -8.07 17.55 -2.74
N ILE B 330 -6.96 17.12 -2.15
CA ILE B 330 -5.73 17.90 -2.16
C ILE B 330 -5.22 18.00 -3.60
N VAL B 331 -5.39 16.92 -4.36
CA VAL B 331 -4.95 16.91 -5.74
C VAL B 331 -5.76 17.94 -6.51
N ALA B 332 -7.05 18.03 -6.18
CA ALA B 332 -7.93 18.98 -6.84
C ALA B 332 -7.59 20.38 -6.39
N ASN B 333 -7.23 20.51 -5.12
CA ASN B 333 -6.90 21.80 -4.55
C ASN B 333 -5.61 22.39 -5.07
N LYS B 334 -4.60 21.55 -5.24
CA LYS B 334 -3.29 22.00 -5.71
C LYS B 334 -3.12 22.06 -7.23
N TRP B 335 -4.13 22.57 -7.92
CA TRP B 335 -4.11 22.70 -9.39
C TRP B 335 -4.91 21.54 -9.98
N GLN B 336 -5.36 21.69 -11.22
CA GLN B 336 -6.14 20.66 -11.88
C GLN B 336 -5.39 19.36 -12.11
N ALA B 337 -5.70 18.36 -11.29
CA ALA B 337 -5.09 17.04 -11.37
C ALA B 337 -4.32 16.83 -12.66
N LYS C 1 -2.10 -51.68 -11.74
CA LYS C 1 -1.06 -50.66 -12.07
C LYS C 1 -1.60 -49.67 -13.09
N LEU C 2 -2.47 -48.77 -12.64
CA LEU C 2 -3.05 -47.76 -13.51
C LEU C 2 -2.36 -46.42 -13.33
N LYS C 3 -1.83 -45.88 -14.43
CA LYS C 3 -1.16 -44.58 -14.40
C LYS C 3 -2.21 -43.49 -14.21
N VAL C 4 -2.16 -42.83 -13.06
CA VAL C 4 -3.13 -41.77 -12.77
C VAL C 4 -2.46 -40.40 -12.71
N ALA C 5 -3.13 -39.41 -13.27
CA ALA C 5 -2.64 -38.03 -13.29
C ALA C 5 -3.68 -37.10 -12.68
N ILE C 6 -3.31 -36.41 -11.61
CA ILE C 6 -4.24 -35.48 -10.97
C ILE C 6 -4.09 -34.09 -11.55
N ASN C 7 -5.11 -33.64 -12.28
CA ASN C 7 -5.06 -32.31 -12.89
C ASN C 7 -5.83 -31.28 -12.07
N GLY C 8 -5.10 -30.52 -11.27
CA GLY C 8 -5.73 -29.52 -10.42
C GLY C 8 -5.65 -29.99 -8.97
N PHE C 9 -4.57 -29.65 -8.29
CA PHE C 9 -4.36 -30.07 -6.91
C PHE C 9 -5.14 -29.20 -5.93
N GLY C 10 -6.42 -28.99 -6.22
CA GLY C 10 -7.26 -28.19 -5.34
C GLY C 10 -7.80 -29.02 -4.19
N ARG C 11 -8.87 -28.53 -3.56
CA ARG C 11 -9.48 -29.23 -2.44
C ARG C 11 -9.74 -30.70 -2.76
N ILE C 12 -10.29 -30.95 -3.93
CA ILE C 12 -10.58 -32.32 -4.35
C ILE C 12 -9.33 -33.07 -4.78
N GLY C 13 -8.39 -32.36 -5.39
CA GLY C 13 -7.16 -33.00 -5.82
C GLY C 13 -6.38 -33.54 -4.64
N ARG C 14 -6.16 -32.68 -3.65
CA ARG C 14 -5.42 -33.06 -2.46
C ARG C 14 -6.20 -34.08 -1.63
N ASN C 15 -7.52 -33.89 -1.56
CA ASN C 15 -8.38 -34.80 -0.82
C ASN C 15 -8.30 -36.19 -1.45
N PHE C 16 -8.39 -36.23 -2.77
CA PHE C 16 -8.30 -37.47 -3.51
C PHE C 16 -7.00 -38.22 -3.22
N LEU C 17 -5.90 -37.48 -3.24
CA LEU C 17 -4.58 -38.07 -2.98
C LEU C 17 -4.59 -38.73 -1.62
N ARG C 18 -4.93 -37.95 -0.58
CA ARG C 18 -4.98 -38.46 0.78
C ARG C 18 -5.92 -39.66 0.91
N CYS C 19 -7.09 -39.59 0.28
CA CYS C 19 -8.02 -40.71 0.34
C CYS C 19 -7.32 -41.93 -0.25
N TRP C 20 -6.82 -41.78 -1.47
CA TRP C 20 -6.12 -42.85 -2.16
C TRP C 20 -5.02 -43.45 -1.28
N HIS C 21 -4.20 -42.58 -0.72
CA HIS C 21 -3.10 -43.00 0.14
C HIS C 21 -3.56 -43.93 1.27
N GLY C 22 -4.81 -43.79 1.69
CA GLY C 22 -5.31 -44.63 2.77
C GLY C 22 -5.89 -45.97 2.34
N ARG C 23 -6.07 -46.15 1.03
CA ARG C 23 -6.63 -47.40 0.54
C ARG C 23 -5.56 -48.50 0.60
N LYS C 24 -6.01 -49.73 0.83
CA LYS C 24 -5.12 -50.88 0.90
C LYS C 24 -5.16 -51.61 -0.44
N ASP C 25 -4.00 -52.01 -0.95
CA ASP C 25 -3.93 -52.71 -2.23
C ASP C 25 -4.69 -51.92 -3.29
N SER C 26 -4.23 -50.69 -3.55
CA SER C 26 -4.88 -49.84 -4.52
C SER C 26 -4.49 -50.18 -5.96
N PRO C 27 -5.48 -50.31 -6.85
CA PRO C 27 -5.24 -50.63 -8.26
C PRO C 27 -4.81 -49.38 -9.01
N LEU C 28 -4.68 -48.28 -8.28
CA LEU C 28 -4.29 -47.00 -8.86
C LEU C 28 -2.89 -46.58 -8.41
N ASP C 29 -2.23 -45.78 -9.24
CA ASP C 29 -0.89 -45.30 -8.92
C ASP C 29 -0.70 -43.86 -9.38
N VAL C 30 -0.81 -42.93 -8.45
CA VAL C 30 -0.64 -41.52 -8.76
C VAL C 30 0.83 -41.24 -9.02
N VAL C 31 1.13 -40.74 -10.23
CA VAL C 31 2.51 -40.45 -10.61
C VAL C 31 2.72 -39.01 -11.03
N VAL C 32 1.64 -38.31 -11.35
CA VAL C 32 1.77 -36.92 -11.78
C VAL C 32 0.70 -36.00 -11.22
N ILE C 33 1.06 -34.73 -11.07
CA ILE C 33 0.16 -33.72 -10.55
C ILE C 33 0.42 -32.40 -11.27
N ASN C 34 -0.65 -31.72 -11.67
CA ASN C 34 -0.52 -30.44 -12.36
C ASN C 34 -1.39 -29.40 -11.68
N ASP C 35 -0.86 -28.18 -11.58
CA ASP C 35 -1.60 -27.07 -10.98
C ASP C 35 -0.85 -25.76 -11.18
N THR C 36 -1.60 -24.68 -11.34
CA THR C 36 -1.05 -23.35 -11.55
C THR C 36 -0.09 -22.90 -10.45
N GLY C 37 0.10 -23.75 -9.43
CA GLY C 37 0.98 -23.39 -8.34
C GLY C 37 2.33 -24.09 -8.40
N GLY C 38 3.19 -23.79 -7.43
CA GLY C 38 4.51 -24.39 -7.39
C GLY C 38 4.55 -25.66 -6.56
N VAL C 39 5.71 -26.31 -6.52
CA VAL C 39 5.89 -27.53 -5.75
C VAL C 39 5.84 -27.26 -4.26
N LYS C 40 6.47 -26.18 -3.83
CA LYS C 40 6.48 -25.82 -2.42
C LYS C 40 5.02 -25.76 -1.94
N GLN C 41 4.15 -25.24 -2.79
CA GLN C 41 2.73 -25.13 -2.47
C GLN C 41 2.05 -26.49 -2.41
N ALA C 42 2.41 -27.35 -3.35
CA ALA C 42 1.83 -28.69 -3.43
C ALA C 42 2.08 -29.53 -2.17
N SER C 43 3.34 -29.61 -1.75
CA SER C 43 3.68 -30.40 -0.57
C SER C 43 3.18 -29.75 0.71
N HIS C 44 3.33 -28.43 0.80
CA HIS C 44 2.90 -27.69 1.97
C HIS C 44 1.39 -27.86 2.18
N LEU C 45 0.62 -27.51 1.16
CA LEU C 45 -0.83 -27.63 1.23
C LEU C 45 -1.32 -29.07 1.38
N LEU C 46 -0.53 -30.02 0.90
CA LEU C 46 -0.88 -31.43 1.02
C LEU C 46 -0.62 -31.94 2.44
N LYS C 47 0.45 -31.44 3.05
CA LYS C 47 0.84 -31.82 4.40
C LYS C 47 -0.04 -31.15 5.46
N TYR C 48 -0.31 -29.86 5.26
CA TYR C 48 -1.13 -29.10 6.19
C TYR C 48 -2.47 -28.75 5.57
N ASP C 49 -3.54 -29.10 6.27
CA ASP C 49 -4.90 -28.86 5.79
C ASP C 49 -5.74 -28.26 6.91
N SER C 50 -6.43 -27.15 6.63
CA SER C 50 -7.26 -26.51 7.64
C SER C 50 -8.50 -27.32 8.00
N ILE C 51 -8.82 -28.33 7.18
CA ILE C 51 -9.99 -29.13 7.45
C ILE C 51 -9.69 -30.59 7.76
N LEU C 52 -8.85 -31.21 6.96
CA LEU C 52 -8.48 -32.60 7.21
C LEU C 52 -7.45 -32.71 8.32
N GLY C 53 -6.72 -31.63 8.53
CA GLY C 53 -5.68 -31.63 9.55
C GLY C 53 -4.36 -32.06 8.93
N THR C 54 -3.28 -31.96 9.69
CA THR C 54 -1.97 -32.33 9.20
C THR C 54 -1.89 -33.76 8.67
N PHE C 55 -1.41 -33.91 7.44
CA PHE C 55 -1.28 -35.21 6.83
C PHE C 55 -0.30 -36.03 7.65
N ASP C 56 -0.68 -37.27 7.96
CA ASP C 56 0.16 -38.14 8.75
C ASP C 56 1.03 -39.01 7.86
N ALA C 57 2.04 -38.38 7.28
CA ALA C 57 2.99 -39.03 6.38
C ALA C 57 4.02 -37.97 6.04
N ASP C 58 5.29 -38.37 5.90
CA ASP C 58 6.35 -37.42 5.59
C ASP C 58 6.23 -36.92 4.16
N VAL C 59 6.05 -35.61 4.02
CA VAL C 59 5.92 -35.00 2.71
C VAL C 59 7.09 -34.03 2.49
N LYS C 60 7.95 -34.38 1.54
CA LYS C 60 9.12 -33.56 1.23
C LYS C 60 8.99 -32.96 -0.17
N THR C 61 10.04 -32.29 -0.60
CA THR C 61 10.10 -31.69 -1.93
C THR C 61 11.20 -32.41 -2.68
N ALA C 62 10.81 -33.27 -3.62
CA ALA C 62 11.76 -34.03 -4.42
C ALA C 62 12.34 -33.17 -5.54
N GLY C 63 13.49 -32.57 -5.27
CA GLY C 63 14.12 -31.71 -6.25
C GLY C 63 13.16 -30.58 -6.59
N ASP C 64 13.25 -30.05 -7.80
CA ASP C 64 12.37 -28.98 -8.21
C ASP C 64 11.34 -29.51 -9.18
N SER C 65 10.07 -29.19 -8.94
CA SER C 65 8.99 -29.66 -9.78
C SER C 65 8.83 -31.17 -9.65
N ALA C 66 8.64 -31.62 -8.40
CA ALA C 66 8.45 -33.03 -8.07
C ALA C 66 8.23 -33.15 -6.57
N ILE C 67 7.39 -34.10 -6.17
CA ILE C 67 7.07 -34.30 -4.77
C ILE C 67 7.16 -35.76 -4.35
N SER C 68 7.32 -35.99 -3.05
CA SER C 68 7.40 -37.33 -2.52
C SER C 68 6.62 -37.45 -1.21
N VAL C 69 5.61 -38.32 -1.20
CA VAL C 69 4.82 -38.52 0.01
C VAL C 69 5.67 -39.48 0.84
N ASP C 70 5.07 -40.21 1.78
CA ASP C 70 5.83 -41.14 2.63
C ASP C 70 7.11 -41.56 1.94
N GLY C 71 7.01 -42.56 1.06
CA GLY C 71 8.16 -43.03 0.33
C GLY C 71 7.96 -42.67 -1.13
N LYS C 72 6.79 -43.07 -1.64
CA LYS C 72 6.40 -42.83 -3.02
C LYS C 72 6.85 -41.46 -3.52
N VAL C 73 7.19 -41.39 -4.80
CA VAL C 73 7.63 -40.14 -5.42
C VAL C 73 6.65 -39.83 -6.55
N ILE C 74 6.33 -38.56 -6.71
CA ILE C 74 5.38 -38.14 -7.73
C ILE C 74 5.83 -36.85 -8.42
N LYS C 75 5.86 -36.86 -9.74
CA LYS C 75 6.27 -35.68 -10.49
C LYS C 75 5.27 -34.56 -10.32
N VAL C 76 5.65 -33.35 -10.73
CA VAL C 76 4.78 -32.19 -10.62
C VAL C 76 5.03 -31.21 -11.76
N VAL C 77 4.04 -31.06 -12.64
CA VAL C 77 4.17 -30.16 -13.77
C VAL C 77 3.26 -28.95 -13.59
N SER C 78 3.34 -28.00 -14.52
CA SER C 78 2.52 -26.80 -14.45
C SER C 78 2.24 -26.19 -15.81
N ASP C 79 1.04 -26.40 -16.32
CA ASP C 79 0.62 -25.84 -17.60
C ASP C 79 -0.88 -25.59 -17.57
N ARG C 80 -1.25 -24.32 -17.46
CA ARG C 80 -2.64 -23.91 -17.40
C ARG C 80 -3.43 -24.31 -18.64
N ASN C 81 -2.77 -25.02 -19.54
CA ASN C 81 -3.41 -25.49 -20.77
C ASN C 81 -3.04 -26.97 -20.93
N PRO C 82 -4.02 -27.87 -20.75
CA PRO C 82 -3.93 -29.33 -20.83
C PRO C 82 -3.34 -29.94 -22.11
N VAL C 83 -3.59 -29.31 -23.25
CA VAL C 83 -3.08 -29.85 -24.51
C VAL C 83 -1.55 -29.99 -24.56
N ASN C 84 -0.83 -29.25 -23.72
CA ASN C 84 0.63 -29.33 -23.68
C ASN C 84 1.08 -30.07 -22.42
N LEU C 85 0.43 -31.20 -22.12
CA LEU C 85 0.81 -31.95 -20.93
C LEU C 85 1.53 -33.26 -21.25
N PRO C 86 2.59 -33.57 -20.48
CA PRO C 86 3.44 -34.76 -20.62
C PRO C 86 2.69 -36.08 -20.43
N TRP C 87 1.37 -36.04 -20.61
CA TRP C 87 0.54 -37.23 -20.46
C TRP C 87 0.98 -38.34 -21.39
N GLY C 88 0.71 -38.17 -22.69
CA GLY C 88 1.06 -39.16 -23.68
C GLY C 88 2.45 -39.76 -23.51
N ASP C 89 3.40 -38.94 -23.09
CA ASP C 89 4.77 -39.40 -22.90
C ASP C 89 4.96 -40.24 -21.65
N MET C 90 4.17 -39.97 -20.61
CA MET C 90 4.28 -40.72 -19.36
C MET C 90 3.37 -41.96 -19.34
N GLY C 91 2.57 -42.12 -20.37
CA GLY C 91 1.67 -43.25 -20.44
C GLY C 91 0.55 -43.11 -19.42
N ILE C 92 0.00 -41.91 -19.35
CA ILE C 92 -1.10 -41.63 -18.43
C ILE C 92 -2.38 -42.32 -18.88
N ASP C 93 -2.85 -43.27 -18.07
CA ASP C 93 -4.06 -44.01 -18.40
C ASP C 93 -5.32 -43.26 -17.98
N LEU C 94 -5.30 -42.68 -16.79
CA LEU C 94 -6.45 -41.94 -16.30
C LEU C 94 -6.08 -40.58 -15.71
N VAL C 95 -6.83 -39.56 -16.12
CA VAL C 95 -6.62 -38.21 -15.63
C VAL C 95 -7.79 -37.83 -14.74
N ILE C 96 -7.49 -37.27 -13.58
CA ILE C 96 -8.54 -36.85 -12.67
C ILE C 96 -8.73 -35.37 -12.88
N GLU C 97 -9.73 -35.01 -13.69
CA GLU C 97 -9.98 -33.61 -13.98
C GLU C 97 -10.69 -32.89 -12.84
N GLY C 98 -9.90 -32.25 -11.99
CA GLY C 98 -10.47 -31.54 -10.85
C GLY C 98 -10.17 -30.05 -10.73
N THR C 99 -10.06 -29.35 -11.86
CA THR C 99 -9.78 -27.91 -11.84
C THR C 99 -11.08 -27.12 -11.92
N GLY C 100 -12.15 -27.79 -12.32
CA GLY C 100 -13.45 -27.14 -12.42
C GLY C 100 -13.66 -26.25 -13.63
N VAL C 101 -12.83 -26.41 -14.66
CA VAL C 101 -12.97 -25.57 -15.85
C VAL C 101 -13.00 -26.40 -17.14
N PHE C 102 -12.69 -27.68 -17.03
CA PHE C 102 -12.69 -28.56 -18.18
C PHE C 102 -13.78 -29.62 -18.04
N VAL C 103 -15.02 -29.16 -17.86
CA VAL C 103 -16.15 -30.05 -17.70
C VAL C 103 -16.79 -30.48 -19.02
N ASP C 104 -16.76 -29.62 -20.02
CA ASP C 104 -17.34 -29.98 -21.31
C ASP C 104 -16.45 -31.00 -22.01
N ARG C 105 -16.97 -31.65 -23.06
CA ARG C 105 -16.20 -32.65 -23.78
C ARG C 105 -14.97 -32.08 -24.48
N ASP C 106 -15.04 -30.81 -24.89
CA ASP C 106 -13.90 -30.17 -25.55
C ASP C 106 -12.73 -30.10 -24.58
N GLY C 107 -12.88 -29.24 -23.57
CA GLY C 107 -11.84 -29.05 -22.57
C GLY C 107 -11.33 -30.34 -21.97
N ALA C 108 -12.23 -31.30 -21.77
CA ALA C 108 -11.85 -32.59 -21.20
C ALA C 108 -10.93 -33.33 -22.17
N GLY C 109 -11.33 -33.34 -23.44
CA GLY C 109 -10.55 -34.01 -24.46
C GLY C 109 -9.10 -33.54 -24.56
N LYS C 110 -8.86 -32.28 -24.24
CA LYS C 110 -7.51 -31.72 -24.31
C LYS C 110 -6.51 -32.60 -23.57
N HIS C 111 -6.99 -33.38 -22.61
CA HIS C 111 -6.11 -34.28 -21.88
C HIS C 111 -5.83 -35.46 -22.80
N LEU C 112 -6.84 -35.83 -23.59
CA LEU C 112 -6.73 -36.92 -24.53
C LEU C 112 -5.82 -36.44 -25.66
N GLN C 113 -6.05 -35.21 -26.10
CA GLN C 113 -5.26 -34.61 -27.17
C GLN C 113 -3.81 -34.44 -26.70
N ALA C 114 -3.59 -34.71 -25.42
CA ALA C 114 -2.25 -34.60 -24.84
C ALA C 114 -1.65 -35.98 -24.66
N GLY C 115 -2.42 -37.00 -24.99
CA GLY C 115 -1.94 -38.38 -24.86
C GLY C 115 -2.56 -39.15 -23.72
N ALA C 116 -3.45 -38.51 -22.97
CA ALA C 116 -4.13 -39.16 -21.84
C ALA C 116 -5.10 -40.22 -22.38
N LYS C 117 -5.03 -41.41 -21.82
CA LYS C 117 -5.89 -42.52 -22.25
C LYS C 117 -7.36 -42.43 -21.84
N LYS C 118 -7.64 -41.76 -20.72
CA LYS C 118 -9.01 -41.63 -20.24
C LYS C 118 -9.12 -40.48 -19.24
N VAL C 119 -10.31 -39.88 -19.15
CA VAL C 119 -10.51 -38.76 -18.23
C VAL C 119 -11.77 -38.88 -17.37
N LEU C 120 -11.60 -38.71 -16.06
CA LEU C 120 -12.69 -38.78 -15.11
C LEU C 120 -12.88 -37.38 -14.53
N ILE C 121 -14.02 -36.76 -14.79
CA ILE C 121 -14.28 -35.42 -14.30
C ILE C 121 -14.90 -35.44 -12.90
N THR C 122 -14.23 -34.78 -11.97
CA THR C 122 -14.70 -34.71 -10.59
C THR C 122 -15.82 -33.69 -10.47
N ALA C 123 -16.81 -33.80 -11.35
CA ALA C 123 -17.94 -32.87 -11.34
C ALA C 123 -18.94 -33.22 -12.43
N PRO C 124 -20.09 -32.53 -12.45
CA PRO C 124 -21.10 -32.80 -13.47
C PRO C 124 -20.53 -32.35 -14.82
N GLY C 125 -20.50 -33.28 -15.78
CA GLY C 125 -19.98 -32.93 -17.09
C GLY C 125 -21.02 -32.23 -17.95
N LYS C 126 -20.68 -31.06 -18.49
CA LYS C 126 -21.62 -30.32 -19.32
C LYS C 126 -21.70 -30.96 -20.71
N GLY C 127 -22.92 -31.18 -21.18
CA GLY C 127 -23.10 -31.79 -22.49
C GLY C 127 -23.42 -33.27 -22.46
N ASP C 128 -22.84 -34.01 -23.40
CA ASP C 128 -23.08 -35.44 -23.50
C ASP C 128 -21.92 -36.26 -22.96
N ILE C 129 -21.84 -36.37 -21.63
CA ILE C 129 -20.78 -37.14 -20.98
C ILE C 129 -21.40 -38.16 -20.01
N PRO C 130 -20.98 -39.43 -20.08
CA PRO C 130 -21.53 -40.46 -19.19
C PRO C 130 -21.26 -40.17 -17.72
N THR C 131 -22.33 -39.97 -16.95
CA THR C 131 -22.21 -39.67 -15.52
C THR C 131 -22.50 -40.91 -14.68
N TYR C 132 -21.72 -41.10 -13.63
CA TYR C 132 -21.90 -42.26 -12.77
C TYR C 132 -21.80 -41.93 -11.29
N VAL C 133 -22.66 -42.57 -10.50
CA VAL C 133 -22.69 -42.42 -9.05
C VAL C 133 -22.57 -43.82 -8.49
N VAL C 134 -21.41 -44.12 -7.89
CA VAL C 134 -21.16 -45.43 -7.32
C VAL C 134 -22.30 -45.82 -6.37
N GLY C 135 -22.73 -47.07 -6.49
CA GLY C 135 -23.82 -47.54 -5.66
C GLY C 135 -25.17 -47.27 -6.30
N VAL C 136 -25.18 -46.60 -7.45
CA VAL C 136 -26.44 -46.30 -8.12
C VAL C 136 -26.48 -46.78 -9.57
N ASN C 137 -25.37 -46.61 -10.30
CA ASN C 137 -25.32 -47.04 -11.68
C ASN C 137 -23.91 -47.33 -12.18
N GLU C 138 -22.96 -47.51 -11.27
CA GLU C 138 -21.59 -47.80 -11.65
C GLU C 138 -21.54 -49.02 -12.57
N GLU C 139 -22.54 -49.89 -12.45
CA GLU C 139 -22.59 -51.10 -13.27
C GLU C 139 -22.81 -50.78 -14.74
N GLY C 140 -23.23 -49.56 -15.04
CA GLY C 140 -23.46 -49.17 -16.42
C GLY C 140 -22.22 -48.60 -17.10
N TYR C 141 -21.11 -48.58 -16.39
CA TYR C 141 -19.86 -48.06 -16.94
C TYR C 141 -19.30 -48.98 -18.02
N THR C 142 -18.60 -48.39 -18.99
CA THR C 142 -17.98 -49.13 -20.07
C THR C 142 -16.61 -48.55 -20.38
N HIS C 143 -15.62 -49.42 -20.51
CA HIS C 143 -14.26 -48.98 -20.80
C HIS C 143 -14.20 -48.16 -22.09
N ALA C 144 -15.21 -48.31 -22.93
CA ALA C 144 -15.28 -47.59 -24.19
C ALA C 144 -15.50 -46.10 -24.00
N ASP C 145 -15.84 -45.69 -22.78
CA ASP C 145 -16.07 -44.29 -22.47
C ASP C 145 -14.75 -43.58 -22.24
N THR C 146 -14.44 -42.60 -23.09
CA THR C 146 -13.20 -41.85 -22.97
C THR C 146 -13.30 -40.79 -21.87
N ILE C 147 -14.47 -40.18 -21.76
CA ILE C 147 -14.72 -39.16 -20.77
C ILE C 147 -15.92 -39.52 -19.90
N ILE C 148 -15.74 -39.47 -18.59
CA ILE C 148 -16.82 -39.78 -17.65
C ILE C 148 -16.83 -38.73 -16.55
N SER C 149 -17.93 -38.65 -15.81
CA SER C 149 -18.02 -37.69 -14.71
C SER C 149 -18.55 -38.41 -13.48
N ASN C 150 -18.14 -37.97 -12.31
CA ASN C 150 -18.58 -38.59 -11.06
C ASN C 150 -19.69 -37.75 -10.43
N ALA C 151 -20.34 -36.93 -11.25
CA ALA C 151 -21.43 -36.07 -10.81
C ALA C 151 -20.94 -35.11 -9.73
N SER C 152 -21.86 -34.41 -9.09
CA SER C 152 -21.50 -33.48 -8.02
C SER C 152 -21.64 -34.13 -6.65
N CYS C 153 -21.12 -33.48 -5.62
CA CYS C 153 -21.19 -34.01 -4.26
C CYS C 153 -22.63 -34.19 -3.81
N THR C 154 -23.47 -33.18 -4.01
CA THR C 154 -24.86 -33.26 -3.61
C THR C 154 -25.55 -34.45 -4.28
N THR C 155 -25.32 -34.62 -5.58
CA THR C 155 -25.91 -35.69 -6.33
C THR C 155 -25.52 -37.07 -5.78
N ASN C 156 -24.31 -37.18 -5.25
CA ASN C 156 -23.86 -38.46 -4.70
C ASN C 156 -24.48 -38.75 -3.34
N CYS C 157 -25.04 -37.72 -2.71
CA CYS C 157 -25.68 -37.88 -1.43
C CYS C 157 -27.15 -38.18 -1.64
N LEU C 158 -27.72 -37.56 -2.67
CA LEU C 158 -29.13 -37.73 -2.97
C LEU C 158 -29.46 -39.04 -3.69
N ALA C 159 -28.74 -39.33 -4.77
CA ALA C 159 -29.00 -40.53 -5.55
C ALA C 159 -29.09 -41.84 -4.74
N PRO C 160 -28.13 -42.07 -3.84
CA PRO C 160 -28.18 -43.30 -3.03
C PRO C 160 -29.50 -43.55 -2.32
N PHE C 161 -29.97 -42.62 -1.48
CA PHE C 161 -31.23 -42.89 -0.81
C PHE C 161 -32.47 -42.55 -1.62
N VAL C 162 -32.32 -41.79 -2.69
CA VAL C 162 -33.47 -41.48 -3.52
C VAL C 162 -33.80 -42.80 -4.24
N LYS C 163 -32.76 -43.56 -4.55
CA LYS C 163 -32.92 -44.84 -5.22
C LYS C 163 -33.74 -45.79 -4.34
N VAL C 164 -33.45 -45.82 -3.05
CA VAL C 164 -34.20 -46.68 -2.14
C VAL C 164 -35.63 -46.20 -2.06
N LEU C 165 -35.82 -44.91 -1.80
CA LEU C 165 -37.16 -44.35 -1.71
C LEU C 165 -38.03 -44.63 -2.92
N ASP C 166 -37.44 -44.52 -4.12
CA ASP C 166 -38.22 -44.75 -5.32
C ASP C 166 -38.53 -46.22 -5.49
N GLN C 167 -37.54 -47.05 -5.23
CA GLN C 167 -37.67 -48.50 -5.35
C GLN C 167 -38.76 -49.05 -4.44
N LYS C 168 -38.74 -48.64 -3.17
CA LYS C 168 -39.68 -49.10 -2.16
C LYS C 168 -41.04 -48.41 -2.09
N PHE C 169 -41.06 -47.10 -2.26
CA PHE C 169 -42.32 -46.37 -2.14
C PHE C 169 -42.83 -45.68 -3.40
N GLY C 170 -41.96 -45.55 -4.40
CA GLY C 170 -42.35 -44.92 -5.65
C GLY C 170 -42.53 -43.42 -5.58
N ILE C 171 -41.50 -42.69 -5.98
CA ILE C 171 -41.54 -41.23 -5.96
C ILE C 171 -42.41 -40.67 -7.08
N ILE C 172 -43.30 -39.74 -6.74
CA ILE C 172 -44.17 -39.11 -7.72
C ILE C 172 -43.56 -37.77 -8.13
N LYS C 173 -43.23 -36.95 -7.14
CA LYS C 173 -42.58 -35.66 -7.38
C LYS C 173 -41.98 -35.19 -6.05
N GLY C 174 -40.97 -34.32 -6.12
CA GLY C 174 -40.36 -33.84 -4.89
C GLY C 174 -39.47 -32.63 -5.06
N THR C 175 -39.14 -32.00 -3.93
CA THR C 175 -38.27 -30.84 -3.93
C THR C 175 -37.13 -31.09 -2.96
N MET C 176 -36.06 -30.31 -3.11
CA MET C 176 -34.92 -30.47 -2.23
C MET C 176 -34.25 -29.15 -1.93
N THR C 177 -33.54 -29.13 -0.83
CA THR C 177 -32.78 -27.96 -0.40
C THR C 177 -31.56 -28.49 0.29
N THR C 178 -30.39 -28.06 -0.16
CA THR C 178 -29.17 -28.48 0.48
C THR C 178 -28.59 -27.29 1.20
N THR C 179 -28.36 -27.44 2.50
CA THR C 179 -27.73 -26.39 3.29
C THR C 179 -26.27 -26.79 3.18
N HIS C 180 -25.64 -26.22 2.16
CA HIS C 180 -24.26 -26.50 1.78
C HIS C 180 -23.24 -25.60 2.44
N SER C 181 -22.12 -26.17 2.84
CA SER C 181 -21.06 -25.38 3.44
C SER C 181 -20.45 -24.64 2.24
N TYR C 182 -19.86 -23.47 2.47
CA TYR C 182 -19.29 -22.70 1.35
C TYR C 182 -18.11 -23.39 0.66
N THR C 183 -17.83 -22.98 -0.57
CA THR C 183 -16.72 -23.55 -1.33
C THR C 183 -15.89 -22.46 -2.00
N GLY C 184 -14.82 -22.88 -2.66
CA GLY C 184 -13.93 -21.95 -3.34
C GLY C 184 -14.60 -21.07 -4.37
N ASP C 185 -15.72 -21.53 -4.91
CA ASP C 185 -16.44 -20.76 -5.92
C ASP C 185 -17.10 -19.50 -5.37
N GLN C 186 -17.18 -19.37 -4.05
CA GLN C 186 -17.79 -18.19 -3.46
C GLN C 186 -16.75 -17.13 -3.11
N ARG C 187 -17.20 -15.92 -2.79
CA ARG C 187 -16.28 -14.83 -2.44
C ARG C 187 -16.12 -14.64 -0.94
N LEU C 188 -14.89 -14.43 -0.51
CA LEU C 188 -14.60 -14.20 0.91
C LEU C 188 -15.27 -12.90 1.34
N LEU C 189 -15.22 -11.90 0.46
CA LEU C 189 -15.84 -10.59 0.70
C LEU C 189 -16.52 -10.14 -0.59
N ASP C 190 -17.65 -9.46 -0.45
CA ASP C 190 -18.43 -8.96 -1.58
C ASP C 190 -17.54 -8.63 -2.77
N ALA C 191 -17.62 -9.45 -3.82
CA ALA C 191 -16.80 -9.23 -5.01
C ALA C 191 -17.43 -9.74 -6.31
N SER C 192 -16.72 -9.54 -7.42
CA SER C 192 -17.17 -9.92 -8.77
C SER C 192 -17.51 -11.41 -8.95
N HIS C 193 -18.69 -11.68 -9.52
CA HIS C 193 -19.12 -13.06 -9.75
C HIS C 193 -20.33 -13.12 -10.69
N ARG C 194 -20.38 -14.14 -11.54
CA ARG C 194 -21.51 -14.29 -12.46
C ARG C 194 -22.82 -14.37 -11.67
N ASP C 195 -22.78 -15.12 -10.57
CA ASP C 195 -23.92 -15.28 -9.67
C ASP C 195 -23.86 -14.13 -8.67
N LEU C 196 -24.82 -13.22 -8.74
CA LEU C 196 -24.84 -12.06 -7.85
C LEU C 196 -24.97 -12.42 -6.37
N ARG C 197 -25.34 -13.66 -6.08
CA ARG C 197 -25.47 -14.08 -4.69
C ARG C 197 -24.14 -14.68 -4.25
N ARG C 198 -23.57 -15.54 -5.08
CA ARG C 198 -22.29 -16.17 -4.76
C ARG C 198 -21.17 -15.13 -4.72
N ALA C 199 -21.52 -13.88 -4.94
CA ALA C 199 -20.55 -12.80 -4.93
C ALA C 199 -20.47 -12.15 -3.56
N ARG C 200 -21.42 -12.47 -2.69
CA ARG C 200 -21.46 -11.90 -1.37
C ARG C 200 -20.60 -12.67 -0.36
N ALA C 201 -20.01 -11.94 0.59
CA ALA C 201 -19.17 -12.52 1.65
C ALA C 201 -19.78 -13.84 2.16
N ALA C 202 -19.06 -14.92 1.95
CA ALA C 202 -19.50 -16.26 2.31
C ALA C 202 -19.63 -16.63 3.79
N CYS C 203 -18.70 -16.15 4.60
CA CYS C 203 -18.70 -16.49 6.01
C CYS C 203 -19.68 -15.59 6.78
N LEU C 204 -20.33 -14.67 6.06
CA LEU C 204 -21.27 -13.74 6.69
C LEU C 204 -22.72 -13.91 6.26
N ASN C 205 -22.98 -14.74 5.26
CA ASN C 205 -24.35 -14.88 4.80
C ASN C 205 -24.84 -16.27 4.54
N ILE C 206 -26.15 -16.39 4.49
CA ILE C 206 -26.80 -17.62 4.10
C ILE C 206 -26.99 -17.20 2.64
N VAL C 207 -26.46 -17.99 1.72
CA VAL C 207 -26.51 -17.63 0.31
C VAL C 207 -27.27 -18.60 -0.58
N PRO C 208 -28.48 -18.21 -1.02
CA PRO C 208 -29.26 -19.09 -1.90
C PRO C 208 -28.55 -19.15 -3.24
N THR C 209 -28.54 -20.33 -3.86
CA THR C 209 -27.88 -20.46 -5.14
C THR C 209 -28.47 -21.67 -5.83
N SER C 210 -28.41 -21.68 -7.16
CA SER C 210 -28.96 -22.80 -7.91
C SER C 210 -28.13 -24.06 -7.70
N THR C 211 -28.77 -25.21 -7.89
CA THR C 211 -28.12 -26.50 -7.75
C THR C 211 -28.66 -27.36 -8.92
N GLY C 212 -27.84 -28.24 -9.46
CA GLY C 212 -28.27 -29.08 -10.57
C GLY C 212 -28.39 -30.53 -10.14
N ALA C 213 -27.93 -30.80 -8.93
CA ALA C 213 -27.97 -32.17 -8.39
C ALA C 213 -29.36 -32.76 -8.56
N ALA C 214 -30.38 -31.95 -8.37
CA ALA C 214 -31.74 -32.43 -8.52
C ALA C 214 -31.93 -33.04 -9.92
N LYS C 215 -31.73 -32.23 -10.96
CA LYS C 215 -31.87 -32.73 -12.33
C LYS C 215 -30.90 -33.87 -12.61
N ALA C 216 -29.70 -33.76 -12.05
CA ALA C 216 -28.65 -34.77 -12.24
C ALA C 216 -29.03 -36.17 -11.75
N VAL C 217 -29.96 -36.26 -10.80
CA VAL C 217 -30.37 -37.55 -10.29
C VAL C 217 -31.01 -38.38 -11.41
N ALA C 218 -31.71 -37.69 -12.31
CA ALA C 218 -32.38 -38.35 -13.41
C ALA C 218 -31.43 -39.06 -14.37
N LEU C 219 -30.17 -38.61 -14.38
CA LEU C 219 -29.18 -39.23 -15.27
C LEU C 219 -28.83 -40.63 -14.76
N VAL C 220 -28.64 -40.73 -13.45
CA VAL C 220 -28.28 -41.99 -12.83
C VAL C 220 -29.53 -42.80 -12.50
N LEU C 221 -30.66 -42.11 -12.38
CA LEU C 221 -31.94 -42.75 -12.08
C LEU C 221 -33.00 -42.19 -13.02
N PRO C 222 -32.96 -42.62 -14.30
CA PRO C 222 -33.86 -42.23 -15.38
C PRO C 222 -35.34 -42.14 -15.01
N ASN C 223 -35.77 -43.00 -14.10
CA ASN C 223 -37.15 -43.05 -13.66
C ASN C 223 -37.60 -41.76 -12.96
N LEU C 224 -36.66 -40.91 -12.60
CA LEU C 224 -36.98 -39.67 -11.91
C LEU C 224 -36.88 -38.42 -12.76
N LYS C 225 -36.85 -38.61 -14.08
CA LYS C 225 -36.76 -37.48 -15.00
C LYS C 225 -37.97 -36.56 -14.86
N GLY C 226 -37.70 -35.28 -14.64
CA GLY C 226 -38.77 -34.32 -14.48
C GLY C 226 -39.51 -34.43 -13.17
N LYS C 227 -39.05 -35.29 -12.28
CA LYS C 227 -39.70 -35.49 -10.99
C LYS C 227 -39.15 -34.71 -9.79
N LEU C 228 -37.92 -34.22 -9.90
CA LEU C 228 -37.32 -33.48 -8.80
C LEU C 228 -36.73 -32.16 -9.24
N ASN C 229 -36.50 -31.29 -8.27
CA ASN C 229 -35.88 -29.98 -8.50
C ASN C 229 -35.58 -29.41 -7.13
N GLY C 230 -34.71 -28.42 -7.08
CA GLY C 230 -34.38 -27.83 -5.80
C GLY C 230 -33.39 -26.69 -5.88
N ILE C 231 -33.02 -26.18 -4.71
CA ILE C 231 -32.07 -25.09 -4.62
C ILE C 231 -31.04 -25.37 -3.54
N ALA C 232 -30.07 -24.48 -3.41
CA ALA C 232 -29.03 -24.65 -2.41
C ALA C 232 -28.91 -23.40 -1.54
N LEU C 233 -28.52 -23.61 -0.29
CA LEU C 233 -28.32 -22.51 0.64
C LEU C 233 -26.91 -22.67 1.20
N ARG C 234 -25.97 -21.86 0.70
CA ARG C 234 -24.61 -21.93 1.19
C ARG C 234 -24.57 -21.21 2.53
N VAL C 235 -23.93 -21.85 3.51
CA VAL C 235 -23.82 -21.27 4.85
C VAL C 235 -22.38 -21.19 5.33
N PRO C 236 -22.12 -20.39 6.37
CA PRO C 236 -20.80 -20.18 6.97
C PRO C 236 -20.09 -21.36 7.65
N THR C 237 -19.85 -22.43 6.92
CA THR C 237 -19.11 -23.58 7.46
C THR C 237 -18.15 -24.02 6.36
N PRO C 238 -16.95 -24.48 6.74
CA PRO C 238 -15.90 -24.93 5.83
C PRO C 238 -16.23 -26.19 5.04
N ASN C 239 -16.73 -27.22 5.72
CA ASN C 239 -17.05 -28.47 5.06
C ASN C 239 -18.22 -29.20 5.73
N VAL C 240 -18.72 -30.23 5.06
CA VAL C 240 -19.85 -31.04 5.52
C VAL C 240 -21.17 -30.34 5.19
N SER C 241 -22.01 -31.02 4.42
CA SER C 241 -23.29 -30.45 4.02
C SER C 241 -24.48 -31.36 4.34
N VAL C 242 -25.69 -30.79 4.29
CA VAL C 242 -26.89 -31.56 4.60
C VAL C 242 -28.03 -31.33 3.58
N VAL C 243 -28.66 -32.43 3.16
CA VAL C 243 -29.77 -32.35 2.20
C VAL C 243 -31.14 -32.52 2.88
N ASP C 244 -32.09 -31.70 2.47
CA ASP C 244 -33.46 -31.72 3.00
C ASP C 244 -34.40 -32.10 1.83
N LEU C 245 -34.64 -33.39 1.66
CA LEU C 245 -35.51 -33.89 0.60
C LEU C 245 -36.93 -34.14 1.08
N VAL C 246 -37.90 -33.57 0.38
CA VAL C 246 -39.30 -33.75 0.68
C VAL C 246 -39.89 -34.34 -0.57
N VAL C 247 -40.47 -35.53 -0.46
CA VAL C 247 -41.02 -36.18 -1.64
C VAL C 247 -42.39 -36.83 -1.42
N GLN C 248 -43.23 -36.78 -2.45
CA GLN C 248 -44.53 -37.42 -2.35
C GLN C 248 -44.38 -38.80 -2.95
N VAL C 249 -44.74 -39.82 -2.19
CA VAL C 249 -44.60 -41.19 -2.67
C VAL C 249 -45.94 -41.84 -3.00
N SER C 250 -45.87 -42.95 -3.72
CA SER C 250 -47.04 -43.69 -4.16
C SER C 250 -47.66 -44.54 -3.04
N LYS C 251 -46.84 -45.36 -2.39
CA LYS C 251 -47.31 -46.21 -1.30
C LYS C 251 -47.27 -45.48 0.03
N LYS C 252 -48.37 -45.50 0.78
CA LYS C 252 -48.42 -44.86 2.10
C LYS C 252 -47.37 -45.49 2.99
N THR C 253 -46.83 -44.71 3.94
CA THR C 253 -45.80 -45.24 4.83
C THR C 253 -45.69 -44.38 6.08
N PHE C 254 -44.61 -44.57 6.84
CA PHE C 254 -44.36 -43.80 8.04
C PHE C 254 -42.85 -43.75 8.33
N ALA C 255 -42.45 -42.71 9.04
CA ALA C 255 -41.04 -42.47 9.36
C ALA C 255 -40.19 -43.70 9.66
N GLU C 256 -40.58 -44.48 10.67
CA GLU C 256 -39.79 -45.65 11.04
C GLU C 256 -39.70 -46.72 9.95
N GLU C 257 -40.74 -46.85 9.12
CA GLU C 257 -40.69 -47.83 8.04
C GLU C 257 -39.69 -47.32 7.01
N VAL C 258 -39.73 -46.02 6.73
CA VAL C 258 -38.80 -45.41 5.78
C VAL C 258 -37.36 -45.64 6.26
N ASN C 259 -37.10 -45.38 7.54
CA ASN C 259 -35.77 -45.57 8.13
C ASN C 259 -35.27 -47.01 7.98
N ALA C 260 -36.15 -47.96 8.29
CA ALA C 260 -35.80 -49.35 8.18
C ALA C 260 -35.35 -49.66 6.76
N ALA C 261 -36.02 -49.06 5.78
CA ALA C 261 -35.67 -49.26 4.38
C ALA C 261 -34.23 -48.82 4.12
N PHE C 262 -33.85 -47.68 4.68
CA PHE C 262 -32.48 -47.18 4.51
C PHE C 262 -31.48 -48.09 5.21
N ARG C 263 -31.81 -48.52 6.44
CA ARG C 263 -30.94 -49.41 7.21
C ARG C 263 -30.72 -50.70 6.42
N GLU C 264 -31.81 -51.19 5.83
CA GLU C 264 -31.77 -52.41 5.02
C GLU C 264 -30.71 -52.28 3.92
N SER C 265 -30.80 -51.20 3.16
CA SER C 265 -29.85 -50.95 2.07
C SER C 265 -28.43 -50.67 2.57
N ALA C 266 -28.31 -49.86 3.62
CA ALA C 266 -27.02 -49.53 4.18
C ALA C 266 -26.30 -50.81 4.61
N ASP C 267 -27.09 -51.84 4.93
CA ASP C 267 -26.53 -53.12 5.35
C ASP C 267 -26.31 -54.08 4.20
N ASN C 268 -26.63 -53.67 2.98
CA ASN C 268 -26.47 -54.55 1.84
C ASN C 268 -25.88 -53.92 0.58
N GLU C 269 -26.65 -53.86 -0.49
CA GLU C 269 -26.18 -53.28 -1.75
C GLU C 269 -25.61 -51.87 -1.63
N LEU C 270 -25.88 -51.19 -0.52
CA LEU C 270 -25.38 -49.83 -0.33
C LEU C 270 -24.42 -49.65 0.82
N LYS C 271 -23.87 -50.75 1.33
CA LYS C 271 -22.92 -50.66 2.43
C LYS C 271 -21.70 -49.88 1.94
N GLY C 272 -21.20 -48.97 2.78
CA GLY C 272 -20.06 -48.17 2.37
C GLY C 272 -20.47 -46.89 1.65
N ILE C 273 -21.70 -46.87 1.13
CA ILE C 273 -22.21 -45.71 0.40
C ILE C 273 -23.21 -44.94 1.25
N LEU C 274 -24.29 -45.61 1.65
CA LEU C 274 -25.33 -45.01 2.47
C LEU C 274 -25.20 -45.51 3.92
N SER C 275 -25.60 -44.66 4.85
CA SER C 275 -25.53 -45.01 6.26
C SER C 275 -26.67 -44.33 7.01
N VAL C 276 -27.06 -44.90 8.15
CA VAL C 276 -28.15 -44.36 8.96
C VAL C 276 -27.67 -44.11 10.38
N CYS C 277 -27.76 -42.85 10.82
CA CYS C 277 -27.32 -42.45 12.16
C CYS C 277 -28.47 -42.15 13.12
N ASP C 278 -28.48 -42.82 14.28
CA ASP C 278 -29.55 -42.62 15.25
C ASP C 278 -29.14 -41.72 16.41
N GLU C 279 -27.93 -41.17 16.30
CA GLU C 279 -27.38 -40.28 17.31
C GLU C 279 -27.78 -38.83 17.08
N PRO C 280 -27.91 -38.03 18.16
CA PRO C 280 -28.27 -36.62 18.00
C PRO C 280 -27.02 -35.76 17.75
N LEU C 281 -26.36 -36.01 16.62
CA LEU C 281 -25.14 -35.30 16.23
C LEU C 281 -25.35 -33.97 15.52
N VAL C 282 -24.23 -33.31 15.21
CA VAL C 282 -24.20 -32.04 14.49
C VAL C 282 -23.24 -32.21 13.31
N SER C 283 -23.19 -31.23 12.41
CA SER C 283 -22.35 -31.28 11.21
C SER C 283 -20.88 -31.66 11.40
N ILE C 284 -20.19 -31.01 12.33
CA ILE C 284 -18.78 -31.29 12.54
C ILE C 284 -18.51 -32.77 12.76
N ASP C 285 -19.45 -33.47 13.40
CA ASP C 285 -19.31 -34.90 13.70
C ASP C 285 -19.27 -35.78 12.46
N PHE C 286 -19.77 -35.29 11.33
CA PHE C 286 -19.76 -36.10 10.13
C PHE C 286 -18.53 -35.90 9.27
N ARG C 287 -17.59 -35.11 9.77
CA ARG C 287 -16.35 -34.86 9.03
C ARG C 287 -15.54 -36.12 8.87
N CYS C 288 -14.96 -36.27 7.69
CA CYS C 288 -14.13 -37.43 7.37
C CYS C 288 -14.83 -38.78 7.41
N THR C 289 -16.11 -38.81 7.02
CA THR C 289 -16.86 -40.05 6.97
C THR C 289 -16.77 -40.59 5.53
N ASP C 290 -16.46 -41.86 5.37
CA ASP C 290 -16.30 -42.44 4.04
C ASP C 290 -17.56 -42.65 3.20
N VAL C 291 -18.73 -42.68 3.83
CA VAL C 291 -19.96 -42.87 3.07
C VAL C 291 -20.34 -41.58 2.32
N SER C 292 -21.11 -41.73 1.25
CA SER C 292 -21.53 -40.58 0.46
C SER C 292 -22.80 -39.96 1.03
N SER C 293 -23.44 -40.67 1.97
CA SER C 293 -24.68 -40.15 2.54
C SER C 293 -25.07 -40.83 3.86
N THR C 294 -25.36 -40.03 4.88
CA THR C 294 -25.78 -40.55 6.19
C THR C 294 -27.13 -39.98 6.59
N ILE C 295 -28.14 -40.84 6.65
CA ILE C 295 -29.49 -40.43 7.02
C ILE C 295 -29.56 -40.11 8.51
N ASP C 296 -30.21 -39.01 8.86
CA ASP C 296 -30.38 -38.62 10.25
C ASP C 296 -31.77 -39.14 10.64
N SER C 297 -31.84 -40.42 10.98
CA SER C 297 -33.09 -41.09 11.33
C SER C 297 -34.08 -40.34 12.22
N SER C 298 -33.62 -39.72 13.30
CA SER C 298 -34.56 -39.02 14.17
C SER C 298 -35.23 -37.81 13.51
N LEU C 299 -34.73 -37.40 12.35
CA LEU C 299 -35.32 -36.24 11.67
C LEU C 299 -36.36 -36.65 10.61
N THR C 300 -36.32 -37.90 10.18
CA THR C 300 -37.26 -38.40 9.18
C THR C 300 -38.72 -38.12 9.57
N MET C 301 -39.48 -37.51 8.66
CA MET C 301 -40.89 -37.23 8.94
C MET C 301 -41.76 -37.67 7.78
N VAL C 302 -43.03 -37.92 8.09
CA VAL C 302 -44.00 -38.34 7.08
C VAL C 302 -45.30 -37.58 7.37
N MET C 303 -45.74 -36.78 6.41
CA MET C 303 -46.96 -35.98 6.52
C MET C 303 -48.07 -36.59 5.67
N GLY C 304 -49.29 -36.60 6.21
CA GLY C 304 -50.42 -37.15 5.48
C GLY C 304 -50.16 -38.51 4.84
N ASP C 305 -49.34 -39.33 5.49
CA ASP C 305 -49.01 -40.67 5.03
C ASP C 305 -48.21 -40.84 3.73
N ASP C 306 -48.14 -39.82 2.87
CA ASP C 306 -47.37 -39.97 1.63
C ASP C 306 -46.34 -38.86 1.35
N MET C 307 -46.25 -37.87 2.22
CA MET C 307 -45.24 -36.81 2.03
C MET C 307 -44.08 -37.11 2.98
N VAL C 308 -43.00 -37.62 2.41
CA VAL C 308 -41.81 -37.99 3.15
C VAL C 308 -40.70 -36.94 3.15
N LYS C 309 -40.19 -36.63 4.33
CA LYS C 309 -39.12 -35.67 4.48
C LYS C 309 -37.90 -36.40 5.06
N VAL C 310 -36.76 -36.28 4.39
CA VAL C 310 -35.54 -36.94 4.83
C VAL C 310 -34.36 -35.97 4.87
N ILE C 311 -33.57 -36.08 5.93
CA ILE C 311 -32.37 -35.24 6.10
C ILE C 311 -31.16 -36.17 6.10
N ALA C 312 -30.20 -35.90 5.21
CA ALA C 312 -28.99 -36.71 5.10
C ALA C 312 -27.73 -35.85 5.09
N TRP C 313 -26.69 -36.30 5.80
CA TRP C 313 -25.44 -35.57 5.89
C TRP C 313 -24.41 -36.11 4.92
N TYR C 314 -23.38 -35.29 4.65
CA TYR C 314 -22.30 -35.71 3.78
C TYR C 314 -21.11 -34.77 3.84
N ASP C 315 -19.92 -35.35 3.87
CA ASP C 315 -18.67 -34.58 3.87
C ASP C 315 -18.44 -34.32 2.39
N ASN C 316 -18.92 -33.18 1.89
CA ASN C 316 -18.79 -32.85 0.47
C ASN C 316 -17.40 -32.96 -0.14
N GLU C 317 -16.35 -32.86 0.67
CA GLU C 317 -15.00 -32.99 0.13
C GLU C 317 -14.50 -34.42 0.23
N TRP C 318 -14.31 -34.90 1.46
CA TRP C 318 -13.81 -36.26 1.71
C TRP C 318 -14.72 -37.37 1.19
N GLY C 319 -16.00 -37.31 1.53
CA GLY C 319 -16.92 -38.33 1.08
C GLY C 319 -16.87 -38.49 -0.43
N TYR C 320 -17.03 -37.37 -1.13
CA TYR C 320 -17.00 -37.36 -2.59
C TYR C 320 -15.72 -37.98 -3.16
N SER C 321 -14.58 -37.52 -2.65
CA SER C 321 -13.29 -38.02 -3.12
C SER C 321 -13.19 -39.55 -3.04
N GLN C 322 -13.70 -40.12 -1.95
CA GLN C 322 -13.68 -41.57 -1.79
C GLN C 322 -14.48 -42.20 -2.92
N ARG C 323 -15.58 -41.55 -3.30
CA ARG C 323 -16.41 -42.03 -4.39
C ARG C 323 -15.61 -41.90 -5.69
N VAL C 324 -14.81 -40.84 -5.79
CA VAL C 324 -13.97 -40.63 -6.95
C VAL C 324 -12.97 -41.78 -7.03
N VAL C 325 -12.30 -42.05 -5.92
CA VAL C 325 -11.34 -43.14 -5.87
C VAL C 325 -12.03 -44.44 -6.26
N ASP C 326 -13.26 -44.65 -5.78
CA ASP C 326 -13.99 -45.86 -6.11
C ASP C 326 -14.30 -45.95 -7.61
N LEU C 327 -14.68 -44.81 -8.20
CA LEU C 327 -14.99 -44.80 -9.62
C LEU C 327 -13.71 -45.05 -10.40
N ALA C 328 -12.60 -44.47 -9.93
CA ALA C 328 -11.32 -44.66 -10.59
C ALA C 328 -10.95 -46.14 -10.47
N ASP C 329 -11.21 -46.71 -9.30
CA ASP C 329 -10.92 -48.12 -9.04
C ASP C 329 -11.67 -49.00 -10.05
N ILE C 330 -12.88 -48.58 -10.40
CA ILE C 330 -13.70 -49.32 -11.35
C ILE C 330 -13.09 -49.26 -12.75
N VAL C 331 -12.68 -48.05 -13.15
CA VAL C 331 -12.08 -47.88 -14.47
C VAL C 331 -10.93 -48.86 -14.64
N ALA C 332 -10.15 -49.03 -13.57
CA ALA C 332 -9.02 -49.94 -13.60
C ALA C 332 -9.49 -51.39 -13.70
N ASN C 333 -10.48 -51.75 -12.91
CA ASN C 333 -10.99 -53.12 -12.90
C ASN C 333 -11.57 -53.58 -14.23
N LYS C 334 -11.68 -52.67 -15.19
CA LYS C 334 -12.19 -53.02 -16.51
C LYS C 334 -11.13 -52.75 -17.58
N TRP C 335 -10.03 -53.49 -17.43
CA TRP C 335 -8.82 -53.44 -18.26
C TRP C 335 -8.36 -52.07 -18.77
N GLN C 336 -7.06 -51.84 -18.62
CA GLN C 336 -6.39 -50.60 -19.03
C GLN C 336 -7.25 -49.35 -19.07
#